data_3NV9
#
_entry.id   3NV9
#
_cell.length_a   117.731
_cell.length_b   117.731
_cell.length_c   157.615
_cell.angle_alpha   90.00
_cell.angle_beta   90.00
_cell.angle_gamma   90.00
#
_symmetry.space_group_name_H-M   'P 43 21 2'
#
loop_
_entity.id
_entity.type
_entity.pdbx_description
1 polymer 'Malic enzyme'
2 non-polymer 'SULFATE ION'
3 non-polymer 'SODIUM ION'
4 non-polymer GLYCEROL
5 non-polymer 'ACETATE ION'
6 water water
#
_entity_poly.entity_id   1
_entity_poly.type   'polypeptide(L)'
_entity_poly.pdbx_seq_one_letter_code
;MAQLKADLSNLEECLPSTLSQEQRAVAKTQFYKELAEKVHKFYKGKIQIMPKCTLAGFNWFNAYYTPGVSRISTNIRDNN
DSSLFYSLRGNFVGVVSDSTRVLGDGDVTPPGGLGVMEGKALLMKYLGGIDAVPICIDSKNKEGKNDPDAVIEFVQRIQH
TFGAINLEDISQPNCYKILDVLRESCDIPVWHDDQQGTASVTLAGLLNALKLVKKDIHECRMVFIGAGSSNTTCLRLIVT
AGADPKKIVMFDSKGSLHNGREDIKKDTRFYRKWEICETTNPSKFGSIAEACVGADVLISLSTPGPGVVKAEWIKSMGEK
PIVFCCANPVPEIYPYEAKEAGAYIVATGRGDFPNQVNNSVGFPGILKGALIVRARKITDNMAIAASRALAEFAEKRGIN
PDNIIGTMDEPGIFPKEAADVAMQAIKDGVARVTDLTWQQVYDIAEHDIKEARESAQLLQDSKHIVDFPQETLNECLAYA
INKVTGK
;
_entity_poly.pdbx_strand_id   A,B
#
loop_
_chem_comp.id
_chem_comp.type
_chem_comp.name
_chem_comp.formula
ACT non-polymer 'ACETATE ION' 'C2 H3 O2 -1'
GOL non-polymer GLYCEROL 'C3 H8 O3'
NA non-polymer 'SODIUM ION' 'Na 1'
SO4 non-polymer 'SULFATE ION' 'O4 S -2'
#
# COMPACT_ATOMS: atom_id res chain seq x y z
N MET A 1 19.36 37.08 16.50
CA MET A 1 17.89 36.81 16.55
C MET A 1 17.62 35.28 16.58
N ALA A 2 16.39 34.89 16.96
CA ALA A 2 16.07 33.49 17.23
C ALA A 2 16.35 32.57 16.04
N GLN A 3 16.77 31.36 16.35
CA GLN A 3 16.78 30.35 15.35
C GLN A 3 15.50 29.50 15.51
N LEU A 4 15.14 28.87 14.44
CA LEU A 4 13.95 28.09 14.40
C LEU A 4 14.04 26.95 15.43
N LYS A 5 12.92 26.66 16.10
CA LYS A 5 12.83 25.52 17.01
C LYS A 5 12.62 24.22 16.28
N ALA A 6 13.08 23.12 16.87
CA ALA A 6 12.86 21.80 16.26
C ALA A 6 11.40 21.56 15.86
N ASP A 7 10.48 22.12 16.63
CA ASP A 7 9.06 21.83 16.41
C ASP A 7 8.40 22.81 15.46
N LEU A 8 9.20 23.74 14.94
CA LEU A 8 8.71 24.72 13.96
C LEU A 8 7.62 25.70 14.46
N SER A 9 7.45 25.81 15.78
CA SER A 9 6.42 26.68 16.42
C SER A 9 6.67 28.20 16.35
N ASN A 10 7.88 28.62 16.00
CA ASN A 10 8.25 30.01 16.15
C ASN A 10 8.74 30.61 14.84
N LEU A 11 8.14 30.17 13.73
CA LEU A 11 8.57 30.67 12.44
C LEU A 11 8.30 32.18 12.32
N GLU A 12 7.12 32.63 12.74
CA GLU A 12 6.75 34.04 12.75
C GLU A 12 7.85 34.95 13.32
N GLU A 13 8.43 34.54 14.42
CA GLU A 13 9.46 35.32 15.13
C GLU A 13 10.82 35.22 14.45
N CYS A 14 11.03 34.18 13.65
CA CYS A 14 12.30 34.01 12.95
C CYS A 14 12.30 34.76 11.63
N LEU A 15 11.13 35.22 11.22
CA LEU A 15 11.00 36.06 10.05
C LEU A 15 11.19 37.49 10.52
N PRO A 16 12.18 38.17 9.93
CA PRO A 16 12.57 39.52 10.35
C PRO A 16 11.42 40.52 10.44
N SER A 17 11.44 41.30 11.53
CA SER A 17 10.55 42.45 11.71
C SER A 17 10.33 43.29 10.44
N THR A 18 11.40 43.55 9.72
CA THR A 18 11.39 44.61 8.68
C THR A 18 10.64 44.21 7.44
N LEU A 19 10.38 42.90 7.30
CA LEU A 19 9.63 42.37 6.17
C LEU A 19 8.25 43.04 6.08
N SER A 20 7.88 43.42 4.87
CA SER A 20 6.53 43.83 4.60
C SER A 20 5.60 42.61 4.68
N GLN A 21 4.32 42.90 4.79
CA GLN A 21 3.31 41.88 4.84
C GLN A 21 3.36 40.94 3.62
N GLU A 22 3.53 41.53 2.43
CA GLU A 22 3.74 40.77 1.22
C GLU A 22 4.96 39.85 1.29
N GLN A 23 6.13 40.43 1.51
CA GLN A 23 7.33 39.66 1.76
C GLN A 23 7.13 38.52 2.79
N ARG A 24 6.50 38.84 3.92
CA ARG A 24 6.32 37.87 4.98
C ARG A 24 5.46 36.68 4.47
N ALA A 25 4.32 36.99 3.83
CA ALA A 25 3.49 35.94 3.22
C ALA A 25 4.23 35.10 2.17
N VAL A 26 4.98 35.77 1.30
CA VAL A 26 5.68 35.06 0.23
C VAL A 26 6.75 34.22 0.86
N ALA A 27 7.49 34.75 1.85
CA ALA A 27 8.58 34.03 2.52
C ALA A 27 8.11 32.82 3.29
N LYS A 28 6.93 32.87 3.89
CA LYS A 28 6.37 31.64 4.46
C LYS A 28 6.14 30.56 3.42
N THR A 29 5.67 30.97 2.24
CA THR A 29 5.33 30.05 1.19
C THR A 29 6.65 29.36 0.73
N GLN A 30 7.65 30.18 0.41
CA GLN A 30 8.95 29.75 -0.04
C GLN A 30 9.66 28.92 1.03
N PHE A 31 9.56 29.31 2.31
CA PHE A 31 10.17 28.48 3.39
C PHE A 31 9.61 27.05 3.39
N TYR A 32 8.28 26.93 3.41
CA TYR A 32 7.63 25.65 3.43
C TYR A 32 7.82 24.86 2.16
N LYS A 33 7.81 25.50 0.99
CA LYS A 33 8.19 24.73 -0.20
C LYS A 33 9.63 24.21 -0.10
N GLU A 34 10.59 25.06 0.28
CA GLU A 34 11.98 24.61 0.32
C GLU A 34 12.22 23.54 1.41
N LEU A 35 11.57 23.69 2.56
CA LEU A 35 11.59 22.65 3.61
C LEU A 35 10.89 21.41 3.10
N ALA A 36 9.77 21.53 2.41
CA ALA A 36 9.19 20.31 1.82
C ALA A 36 10.23 19.51 1.00
N GLU A 37 10.92 20.21 0.11
CA GLU A 37 11.95 19.54 -0.72
C GLU A 37 13.02 18.81 0.11
N LYS A 38 13.61 19.51 1.07
CA LYS A 38 14.66 18.97 1.97
C LYS A 38 14.14 17.81 2.79
N VAL A 39 13.02 17.97 3.48
CA VAL A 39 12.57 16.90 4.39
C VAL A 39 12.07 15.67 3.65
N HIS A 40 11.48 15.82 2.47
CA HIS A 40 11.02 14.61 1.77
C HIS A 40 12.25 13.83 1.32
N LYS A 41 13.24 14.51 0.78
CA LYS A 41 14.46 13.83 0.38
C LYS A 41 15.18 13.24 1.61
N PHE A 42 15.29 14.00 2.69
CA PHE A 42 15.92 13.45 3.91
C PHE A 42 15.37 12.08 4.37
N TYR A 43 14.06 11.90 4.44
CA TYR A 43 13.48 10.66 4.93
C TYR A 43 13.07 9.74 3.75
N LYS A 44 13.25 10.22 2.50
CA LYS A 44 12.82 9.48 1.29
C LYS A 44 11.34 9.16 1.38
N GLY A 45 10.55 10.19 1.65
CA GLY A 45 9.11 9.99 1.80
C GLY A 45 8.64 10.25 3.22
N LYS A 46 7.47 9.72 3.56
CA LYS A 46 6.83 10.08 4.81
C LYS A 46 6.31 8.87 5.57
N ILE A 47 5.95 7.80 4.85
CA ILE A 47 5.33 6.61 5.46
C ILE A 47 6.12 5.31 5.16
N GLN A 48 5.85 4.27 5.95
CA GLN A 48 6.52 3.02 5.79
C GLN A 48 5.57 1.91 6.20
N ILE A 49 5.95 0.68 5.90
CA ILE A 49 5.16 -0.43 6.36
C ILE A 49 5.80 -0.95 7.65
N MET A 50 5.00 -1.54 8.53
CA MET A 50 5.56 -2.11 9.77
C MET A 50 4.72 -3.32 10.21
N PRO A 51 5.33 -4.34 10.84
CA PRO A 51 4.55 -5.44 11.36
C PRO A 51 3.60 -4.87 12.41
N LYS A 52 2.43 -5.49 12.55
CA LYS A 52 1.52 -5.26 13.68
C LYS A 52 1.20 -6.57 14.36
N CYS A 53 1.90 -7.66 14.03
CA CYS A 53 1.62 -8.98 14.68
C CYS A 53 2.82 -9.49 15.53
N THR A 54 2.63 -10.53 16.36
CA THR A 54 3.78 -10.98 17.17
C THR A 54 4.85 -11.62 16.32
N LEU A 55 6.11 -11.29 16.60
CA LEU A 55 7.25 -11.94 15.94
C LEU A 55 8.21 -12.50 17.01
N ALA A 56 7.62 -13.14 18.00
CA ALA A 56 8.34 -13.70 19.13
C ALA A 56 9.28 -14.87 18.79
N GLY A 57 9.15 -15.48 17.61
CA GLY A 57 10.10 -16.56 17.21
C GLY A 57 9.90 -17.04 15.79
N PHE A 58 10.91 -17.66 15.22
CA PHE A 58 10.92 -18.14 13.84
C PHE A 58 9.62 -18.91 13.49
N ASN A 59 9.23 -19.86 14.35
CA ASN A 59 8.07 -20.66 14.04
C ASN A 59 6.80 -19.93 13.83
N TRP A 60 6.68 -18.74 14.42
CA TRP A 60 5.54 -17.88 14.05
C TRP A 60 5.39 -17.72 12.52
N PHE A 61 6.47 -17.87 11.71
CA PHE A 61 6.30 -17.60 10.27
C PHE A 61 5.47 -18.70 9.66
N ASN A 62 5.57 -19.89 10.24
CA ASN A 62 4.71 -21.01 9.89
C ASN A 62 3.21 -20.75 10.06
N ALA A 63 2.84 -19.77 10.86
CA ALA A 63 1.43 -19.35 10.93
C ALA A 63 1.11 -18.24 9.95
N TYR A 64 2.10 -17.41 9.69
CA TYR A 64 1.88 -16.22 8.86
C TYR A 64 2.07 -16.49 7.36
N TYR A 65 2.51 -17.69 7.07
CA TYR A 65 3.06 -18.04 5.76
C TYR A 65 2.85 -19.56 5.64
N THR A 66 3.42 -20.21 4.64
CA THR A 66 3.17 -21.60 4.46
C THR A 66 3.78 -22.33 5.67
N PRO A 67 3.07 -23.31 6.23
CA PRO A 67 1.83 -23.86 5.74
C PRO A 67 0.57 -23.21 6.29
N GLY A 68 0.63 -22.62 7.48
CA GLY A 68 -0.62 -22.08 8.11
C GLY A 68 -1.46 -21.15 7.24
N VAL A 69 -0.84 -20.26 6.46
CA VAL A 69 -1.59 -19.21 5.77
C VAL A 69 -2.66 -19.75 4.82
N SER A 70 -2.56 -21.02 4.48
CA SER A 70 -3.51 -21.68 3.58
C SER A 70 -4.91 -21.69 4.18
N ARG A 71 -5.04 -21.86 5.49
CA ARG A 71 -6.32 -21.66 6.19
C ARG A 71 -6.94 -20.31 5.89
N ILE A 72 -6.09 -19.27 5.83
CA ILE A 72 -6.61 -17.94 5.50
C ILE A 72 -7.08 -17.90 4.05
N SER A 73 -6.33 -18.48 3.13
CA SER A 73 -6.73 -18.48 1.74
C SER A 73 -8.09 -19.13 1.54
N THR A 74 -8.30 -20.28 2.16
CA THR A 74 -9.56 -21.01 1.97
C THR A 74 -10.70 -20.36 2.77
N ASN A 75 -10.39 -19.91 3.99
CA ASN A 75 -11.38 -19.12 4.76
C ASN A 75 -11.91 -17.93 3.97
N ILE A 76 -11.00 -17.16 3.39
CA ILE A 76 -11.45 -16.03 2.58
C ILE A 76 -12.27 -16.51 1.36
N ARG A 77 -11.79 -17.52 0.63
CA ARG A 77 -12.50 -18.02 -0.59
C ARG A 77 -13.97 -18.30 -0.28
N ASP A 78 -14.20 -19.00 0.83
CA ASP A 78 -15.53 -19.45 1.23
C ASP A 78 -16.35 -18.41 2.04
N ASN A 79 -15.70 -17.34 2.50
CA ASN A 79 -16.39 -16.25 3.21
C ASN A 79 -15.59 -14.97 2.90
N ASN A 80 -15.87 -14.33 1.76
CA ASN A 80 -15.12 -13.12 1.34
C ASN A 80 -15.12 -12.03 2.40
N ASP A 81 -16.21 -11.85 3.17
CA ASP A 81 -16.26 -10.83 4.24
C ASP A 81 -15.24 -11.07 5.32
N SER A 82 -14.85 -12.32 5.55
CA SER A 82 -13.83 -12.60 6.52
C SER A 82 -12.46 -12.02 6.09
N SER A 83 -12.32 -11.65 4.82
CA SER A 83 -11.09 -10.89 4.45
C SER A 83 -10.91 -9.61 5.33
N LEU A 84 -12.01 -9.11 5.87
CA LEU A 84 -12.00 -7.83 6.56
C LEU A 84 -11.35 -7.96 7.93
N PHE A 85 -11.30 -9.17 8.44
CA PHE A 85 -10.61 -9.35 9.68
C PHE A 85 -9.44 -10.37 9.65
N TYR A 86 -9.22 -11.09 8.55
CA TYR A 86 -8.10 -12.02 8.52
C TYR A 86 -6.91 -11.33 7.91
N SER A 87 -7.10 -10.09 7.50
CA SER A 87 -6.06 -9.30 6.86
C SER A 87 -6.28 -7.81 7.19
N LEU A 88 -5.31 -6.96 6.88
CA LEU A 88 -5.40 -5.46 7.11
C LEU A 88 -6.56 -4.82 6.39
N ARG A 89 -7.09 -5.51 5.38
CA ARG A 89 -8.16 -4.90 4.54
C ARG A 89 -9.20 -4.06 5.34
N GLY A 90 -9.70 -4.64 6.43
CA GLY A 90 -10.71 -3.95 7.25
C GLY A 90 -10.32 -2.58 7.74
N ASN A 91 -9.01 -2.28 7.82
CA ASN A 91 -8.60 -0.90 8.17
C ASN A 91 -7.76 -0.22 7.06
N PHE A 92 -7.90 -0.68 5.79
CA PHE A 92 -6.94 -0.32 4.69
C PHE A 92 -7.63 0.59 3.69
N VAL A 93 -7.07 1.78 3.50
CA VAL A 93 -7.63 2.77 2.62
C VAL A 93 -6.68 3.04 1.47
N GLY A 94 -7.21 3.04 0.22
CA GLY A 94 -6.40 3.41 -0.96
C GLY A 94 -6.62 4.86 -1.35
N VAL A 95 -5.56 5.64 -1.44
CA VAL A 95 -5.68 7.05 -1.79
C VAL A 95 -5.41 7.05 -3.28
N VAL A 96 -6.48 7.03 -4.07
CA VAL A 96 -6.43 6.81 -5.51
C VAL A 96 -6.52 8.16 -6.20
N SER A 97 -5.53 8.43 -7.04
CA SER A 97 -5.49 9.67 -7.83
C SER A 97 -4.88 9.39 -9.19
N ASP A 98 -5.30 10.14 -10.20
CA ASP A 98 -4.64 10.08 -11.50
C ASP A 98 -3.73 11.27 -11.71
N SER A 99 -3.58 12.04 -10.62
CA SER A 99 -2.73 13.22 -10.47
C SER A 99 -3.01 14.32 -11.48
N THR A 100 -4.28 14.50 -11.73
CA THR A 100 -4.79 15.34 -12.77
C THR A 100 -5.26 16.70 -12.17
N ARG A 101 -5.65 16.74 -10.88
CA ARG A 101 -5.94 18.02 -10.20
C ARG A 101 -5.21 18.11 -8.84
N VAL A 102 -3.89 18.15 -8.87
CA VAL A 102 -3.23 18.09 -7.58
C VAL A 102 -2.88 19.44 -7.05
N LEU A 103 -3.67 19.84 -6.03
CA LEU A 103 -3.80 21.22 -5.60
C LEU A 103 -3.90 22.16 -6.79
N GLY A 104 -3.36 23.37 -6.70
CA GLY A 104 -3.55 24.37 -7.74
C GLY A 104 -2.51 24.12 -8.84
N ASP A 105 -1.68 23.11 -8.66
CA ASP A 105 -0.65 22.80 -9.66
C ASP A 105 -1.28 21.99 -10.79
N GLY A 106 -2.39 21.33 -10.51
CA GLY A 106 -3.16 20.74 -11.57
C GLY A 106 -2.61 19.41 -11.99
N ASP A 107 -2.43 19.24 -13.29
CA ASP A 107 -1.99 17.94 -13.83
C ASP A 107 -0.46 17.85 -13.76
N VAL A 108 0.03 16.95 -12.91
CA VAL A 108 1.48 16.87 -12.59
C VAL A 108 2.13 15.59 -13.10
N THR A 109 1.49 14.95 -14.10
CA THR A 109 1.83 13.57 -14.58
C THR A 109 1.57 12.47 -13.52
N PRO A 110 1.40 11.19 -13.94
CA PRO A 110 0.88 10.22 -12.94
C PRO A 110 1.65 10.13 -11.62
N PRO A 111 3.01 10.02 -11.64
CA PRO A 111 3.76 9.94 -10.35
C PRO A 111 3.77 11.23 -9.57
N GLY A 112 3.39 12.34 -10.22
CA GLY A 112 3.46 13.68 -9.61
C GLY A 112 2.56 13.90 -8.39
N GLY A 113 1.49 13.10 -8.30
CA GLY A 113 0.57 13.17 -7.15
C GLY A 113 1.10 12.47 -5.87
N LEU A 114 2.22 11.76 -5.93
CA LEU A 114 2.74 10.96 -4.81
C LEU A 114 3.01 11.76 -3.51
N GLY A 115 3.52 13.00 -3.63
CA GLY A 115 3.82 13.86 -2.48
C GLY A 115 2.54 14.09 -1.73
N VAL A 116 1.50 14.50 -2.43
CA VAL A 116 0.22 14.83 -1.79
C VAL A 116 -0.50 13.57 -1.28
N MET A 117 -0.47 12.48 -2.05
CA MET A 117 -1.21 11.26 -1.62
C MET A 117 -0.50 10.56 -0.48
N GLU A 118 0.82 10.66 -0.45
CA GLU A 118 1.57 10.19 0.74
C GLU A 118 1.31 11.03 2.02
N GLY A 119 1.17 12.35 1.88
CA GLY A 119 0.82 13.21 3.01
C GLY A 119 -0.58 12.87 3.50
N LYS A 120 -1.50 12.58 2.59
CA LYS A 120 -2.87 12.12 2.98
C LYS A 120 -2.77 10.80 3.74
N ALA A 121 -1.95 9.87 3.25
CA ALA A 121 -1.88 8.59 3.91
C ALA A 121 -1.26 8.80 5.27
N LEU A 122 -0.22 9.68 5.35
CA LEU A 122 0.47 9.97 6.62
C LEU A 122 -0.59 10.47 7.64
N LEU A 123 -1.46 11.37 7.16
CA LEU A 123 -2.52 11.95 8.05
C LEU A 123 -3.60 10.98 8.44
N MET A 124 -3.92 10.05 7.55
CA MET A 124 -4.96 9.05 7.92
C MET A 124 -4.46 8.20 9.10
N LYS A 125 -3.16 7.94 9.10
CA LYS A 125 -2.62 7.14 10.18
C LYS A 125 -2.57 7.94 11.47
N TYR A 126 -1.97 9.14 11.41
CA TYR A 126 -1.66 9.89 12.58
C TYR A 126 -2.86 10.63 13.22
N LEU A 127 -3.86 10.95 12.42
CA LEU A 127 -5.07 11.62 12.91
C LEU A 127 -6.21 10.61 13.02
N GLY A 128 -6.26 9.65 12.08
CA GLY A 128 -7.38 8.76 12.06
C GLY A 128 -7.20 7.30 12.49
N GLY A 129 -5.97 6.84 12.71
CA GLY A 129 -5.84 5.44 13.06
C GLY A 129 -6.10 4.55 11.86
N ILE A 130 -6.02 5.11 10.65
CA ILE A 130 -6.27 4.38 9.44
C ILE A 130 -5.00 3.93 8.73
N ASP A 131 -4.93 2.66 8.24
CA ASP A 131 -3.75 2.29 7.39
C ASP A 131 -4.03 2.66 5.92
N ALA A 132 -3.18 3.43 5.28
CA ALA A 132 -3.53 3.94 3.94
C ALA A 132 -2.25 4.08 3.12
N VAL A 133 -2.35 3.85 1.81
CA VAL A 133 -1.22 4.05 0.98
C VAL A 133 -1.57 4.87 -0.28
N PRO A 134 -0.62 5.67 -0.78
CA PRO A 134 -0.91 6.34 -2.05
C PRO A 134 -1.10 5.29 -3.19
N ILE A 135 -2.10 5.51 -4.06
CA ILE A 135 -2.23 4.72 -5.31
C ILE A 135 -2.33 5.68 -6.45
N CYS A 136 -1.19 6.11 -6.97
CA CYS A 136 -1.13 7.08 -8.12
C CYS A 136 -1.06 6.32 -9.47
N ILE A 137 -2.03 6.56 -10.34
CA ILE A 137 -2.17 5.77 -11.55
C ILE A 137 -2.13 6.64 -12.76
N ASP A 138 -1.83 6.03 -13.89
CA ASP A 138 -1.99 6.69 -15.17
C ASP A 138 -3.40 6.42 -15.65
N SER A 139 -4.18 7.46 -15.90
CA SER A 139 -5.54 7.16 -16.46
C SER A 139 -5.65 7.45 -17.99
N LYS A 140 -4.54 7.66 -18.69
CA LYS A 140 -4.57 8.15 -20.08
C LYS A 140 -4.90 7.03 -20.98
N ASN A 141 -5.72 7.29 -21.97
CA ASN A 141 -5.98 6.23 -22.95
C ASN A 141 -4.95 6.33 -24.09
N LYS A 142 -5.09 5.51 -25.10
CA LYS A 142 -4.14 5.43 -26.23
C LYS A 142 -3.92 6.82 -26.84
N GLU A 143 -5.00 7.59 -27.01
CA GLU A 143 -4.89 8.92 -27.62
C GLU A 143 -4.28 9.93 -26.68
N GLY A 144 -3.94 9.46 -25.47
CA GLY A 144 -3.35 10.33 -24.46
C GLY A 144 -4.31 11.28 -23.74
N LYS A 145 -5.59 10.93 -23.68
CA LYS A 145 -6.56 11.68 -22.92
C LYS A 145 -6.94 10.91 -21.63
N ASN A 146 -7.08 11.63 -20.52
CA ASN A 146 -7.51 10.98 -19.29
C ASN A 146 -8.91 10.37 -19.40
N ASP A 147 -8.97 9.09 -19.12
CA ASP A 147 -10.16 8.30 -19.36
C ASP A 147 -10.83 7.83 -18.06
N PRO A 148 -11.99 8.40 -17.74
CA PRO A 148 -12.67 8.03 -16.49
C PRO A 148 -12.93 6.53 -16.39
N ASP A 149 -13.28 5.91 -17.53
CA ASP A 149 -13.60 4.49 -17.56
C ASP A 149 -12.39 3.65 -17.15
N ALA A 150 -11.19 4.17 -17.42
CA ALA A 150 -9.97 3.50 -16.98
C ALA A 150 -9.90 3.54 -15.42
N VAL A 151 -10.23 4.69 -14.84
CA VAL A 151 -10.22 4.86 -13.40
C VAL A 151 -11.28 3.92 -12.81
N ILE A 152 -12.46 3.88 -13.43
CA ILE A 152 -13.56 3.00 -12.95
C ILE A 152 -13.16 1.53 -12.94
N GLU A 153 -12.58 1.10 -14.05
CA GLU A 153 -12.16 -0.29 -14.21
C GLU A 153 -11.09 -0.63 -13.17
N PHE A 154 -10.14 0.29 -13.03
CA PHE A 154 -8.98 0.12 -12.14
C PHE A 154 -9.43 -0.12 -10.69
N VAL A 155 -10.29 0.76 -10.21
CA VAL A 155 -10.74 0.71 -8.85
C VAL A 155 -11.56 -0.55 -8.59
N GLN A 156 -12.43 -0.90 -9.56
CA GLN A 156 -13.19 -2.16 -9.53
C GLN A 156 -12.32 -3.42 -9.40
N ARG A 157 -11.13 -3.38 -10.01
CA ARG A 157 -10.21 -4.51 -9.89
C ARG A 157 -9.48 -4.54 -8.54
N ILE A 158 -9.17 -3.35 -7.99
CA ILE A 158 -8.31 -3.23 -6.81
C ILE A 158 -9.08 -3.20 -5.51
N GLN A 159 -10.38 -2.96 -5.62
CA GLN A 159 -11.26 -2.82 -4.47
C GLN A 159 -11.13 -3.96 -3.49
N HIS A 160 -10.68 -5.13 -3.98
CA HIS A 160 -10.58 -6.33 -3.19
C HIS A 160 -9.47 -6.31 -2.15
N THR A 161 -8.58 -5.33 -2.31
CA THR A 161 -7.48 -5.10 -1.40
C THR A 161 -7.92 -4.23 -0.21
N PHE A 162 -8.98 -3.43 -0.39
CA PHE A 162 -9.23 -2.28 0.49
C PHE A 162 -10.56 -2.33 1.22
N GLY A 163 -10.61 -1.58 2.32
CA GLY A 163 -11.78 -1.45 3.17
C GLY A 163 -12.51 -0.21 2.77
N ALA A 164 -11.79 0.75 2.14
CA ALA A 164 -12.45 1.85 1.45
C ALA A 164 -11.56 2.46 0.38
N ILE A 165 -12.16 3.29 -0.49
CA ILE A 165 -11.37 4.00 -1.44
C ILE A 165 -11.52 5.49 -1.26
N ASN A 166 -10.39 6.17 -1.24
CA ASN A 166 -10.38 7.61 -1.04
C ASN A 166 -9.85 8.27 -2.30
N LEU A 167 -10.75 8.59 -3.21
CA LEU A 167 -10.39 9.30 -4.46
C LEU A 167 -9.88 10.69 -4.12
N GLU A 168 -8.80 11.11 -4.78
CA GLU A 168 -8.30 12.46 -4.63
C GLU A 168 -7.90 13.07 -6.00
N ASP A 169 -8.08 14.38 -6.14
CA ASP A 169 -7.32 15.19 -7.10
C ASP A 169 -7.47 14.66 -8.54
N ILE A 170 -8.72 14.39 -8.90
CA ILE A 170 -9.17 13.99 -10.22
C ILE A 170 -9.98 15.17 -10.79
N SER A 171 -9.63 15.56 -12.00
CA SER A 171 -10.27 16.67 -12.69
C SER A 171 -11.78 16.44 -12.94
N GLN A 172 -12.55 17.52 -12.93
CA GLN A 172 -13.96 17.45 -13.27
C GLN A 172 -14.05 17.65 -14.78
N PRO A 173 -15.05 17.02 -15.43
CA PRO A 173 -16.13 16.26 -14.87
C PRO A 173 -15.79 14.78 -14.71
N ASN A 174 -14.58 14.37 -15.03
CA ASN A 174 -14.20 12.98 -14.80
C ASN A 174 -14.50 12.53 -13.32
N CYS A 175 -14.09 13.33 -12.33
CA CYS A 175 -14.30 12.92 -10.93
C CYS A 175 -15.78 12.54 -10.62
N TYR A 176 -16.73 13.17 -11.30
CA TYR A 176 -18.17 12.83 -11.06
C TYR A 176 -18.53 11.43 -11.54
N LYS A 177 -18.18 11.18 -12.80
CA LYS A 177 -18.49 9.91 -13.41
C LYS A 177 -17.88 8.77 -12.62
N ILE A 178 -16.60 8.93 -12.28
CA ILE A 178 -15.86 7.94 -11.52
C ILE A 178 -16.50 7.72 -10.16
N LEU A 179 -16.76 8.79 -9.42
CA LEU A 179 -17.31 8.61 -8.08
C LEU A 179 -18.70 7.97 -8.17
N ASP A 180 -19.57 8.57 -8.98
CA ASP A 180 -20.98 8.22 -9.06
C ASP A 180 -21.19 6.76 -9.43
N VAL A 181 -20.41 6.26 -10.41
CA VAL A 181 -20.45 4.83 -10.80
C VAL A 181 -19.87 3.95 -9.73
N LEU A 182 -18.63 4.26 -9.31
CA LEU A 182 -17.92 3.42 -8.32
C LEU A 182 -18.60 3.30 -6.99
N ARG A 183 -19.25 4.37 -6.53
CA ARG A 183 -19.92 4.27 -5.26
C ARG A 183 -21.07 3.23 -5.28
N GLU A 184 -21.59 2.92 -6.46
CA GLU A 184 -22.71 2.00 -6.59
C GLU A 184 -22.21 0.63 -6.88
N SER A 185 -21.13 0.53 -7.64
CA SER A 185 -20.64 -0.80 -8.02
C SER A 185 -19.73 -1.52 -7.04
N CYS A 186 -18.98 -0.80 -6.20
CA CYS A 186 -17.97 -1.47 -5.37
C CYS A 186 -18.62 -1.95 -4.10
N ASP A 187 -18.07 -3.00 -3.50
CA ASP A 187 -18.60 -3.63 -2.30
C ASP A 187 -18.01 -3.02 -0.99
N ILE A 188 -17.16 -2.02 -1.17
CA ILE A 188 -16.62 -1.11 -0.16
C ILE A 188 -17.07 0.33 -0.49
N PRO A 189 -17.08 1.22 0.52
CA PRO A 189 -17.34 2.63 0.31
C PRO A 189 -16.27 3.34 -0.54
N VAL A 190 -16.76 4.11 -1.53
CA VAL A 190 -15.96 4.96 -2.39
C VAL A 190 -16.46 6.39 -2.31
N TRP A 191 -15.54 7.32 -2.11
CA TRP A 191 -15.93 8.72 -2.00
C TRP A 191 -14.80 9.52 -2.60
N HIS A 192 -15.00 10.81 -2.78
CA HIS A 192 -14.01 11.66 -3.41
C HIS A 192 -13.76 12.81 -2.37
N ASP A 193 -12.57 12.78 -1.76
CA ASP A 193 -12.23 13.65 -0.64
C ASP A 193 -12.48 15.10 -1.04
N ASP A 194 -12.04 15.51 -2.23
CA ASP A 194 -12.32 16.89 -2.69
C ASP A 194 -13.80 17.27 -2.81
N GLN A 195 -14.68 16.26 -2.88
CA GLN A 195 -16.12 16.54 -2.92
C GLN A 195 -16.65 16.62 -1.48
N GLN A 196 -17.13 15.52 -0.90
CA GLN A 196 -17.73 15.64 0.45
C GLN A 196 -16.71 16.01 1.60
N GLY A 197 -15.46 15.56 1.47
CA GLY A 197 -14.42 15.87 2.43
C GLY A 197 -14.23 17.35 2.63
N THR A 198 -13.91 18.05 1.55
CA THR A 198 -13.79 19.51 1.55
C THR A 198 -15.05 20.22 2.00
N ALA A 199 -16.20 19.79 1.49
CA ALA A 199 -17.47 20.41 1.85
C ALA A 199 -17.75 20.11 3.31
N SER A 200 -17.42 18.94 3.82
CA SER A 200 -17.55 18.73 5.28
C SER A 200 -16.90 19.82 6.17
N VAL A 201 -15.61 20.09 5.97
CA VAL A 201 -14.91 21.06 6.84
C VAL A 201 -15.31 22.47 6.47
N THR A 202 -15.70 22.69 5.21
CA THR A 202 -16.14 24.05 4.84
C THR A 202 -17.41 24.46 5.60
N LEU A 203 -18.41 23.58 5.57
CA LEU A 203 -19.59 23.70 6.42
C LEU A 203 -19.20 23.88 7.91
N ALA A 204 -18.29 23.05 8.43
CA ALA A 204 -17.90 23.23 9.86
C ALA A 204 -17.40 24.62 10.18
N GLY A 205 -16.48 25.13 9.37
CA GLY A 205 -15.99 26.50 9.58
C GLY A 205 -17.08 27.57 9.49
N LEU A 206 -17.90 27.47 8.45
CA LEU A 206 -19.05 28.33 8.26
C LEU A 206 -19.97 28.33 9.51
N LEU A 207 -20.25 27.15 10.06
CA LEU A 207 -21.10 27.03 11.25
C LEU A 207 -20.58 27.90 12.36
N ASN A 208 -19.30 27.77 12.68
CA ASN A 208 -18.70 28.60 13.74
C ASN A 208 -18.52 30.08 13.41
N ALA A 209 -18.08 30.34 12.18
CA ALA A 209 -18.07 31.69 11.61
C ALA A 209 -19.43 32.36 11.77
N LEU A 210 -20.50 31.67 11.40
CA LEU A 210 -21.85 32.23 11.59
C LEU A 210 -22.20 32.52 13.05
N LYS A 211 -21.82 31.65 13.98
CA LYS A 211 -22.03 31.92 15.40
C LYS A 211 -21.28 33.19 15.80
N LEU A 212 -20.02 33.29 15.39
CA LEU A 212 -19.23 34.46 15.75
C LEU A 212 -19.82 35.77 15.27
N VAL A 213 -20.45 35.80 14.09
CA VAL A 213 -20.94 37.07 13.50
C VAL A 213 -22.42 37.31 13.84
N LYS A 214 -22.97 36.38 14.59
CA LYS A 214 -24.39 36.30 14.98
C LYS A 214 -25.39 36.33 13.81
N LYS A 215 -25.25 35.43 12.84
CA LYS A 215 -26.22 35.37 11.72
C LYS A 215 -26.78 33.96 11.54
N ASP A 216 -28.07 33.89 11.21
CA ASP A 216 -28.76 32.64 10.92
C ASP A 216 -28.35 32.20 9.50
N ILE A 217 -28.02 30.91 9.34
CA ILE A 217 -27.56 30.36 8.06
C ILE A 217 -28.46 30.71 6.86
N HIS A 218 -29.78 30.64 7.08
CA HIS A 218 -30.82 30.81 6.07
C HIS A 218 -31.02 32.28 5.67
N GLU A 219 -30.45 33.18 6.45
CA GLU A 219 -30.63 34.61 6.23
C GLU A 219 -29.37 35.27 5.62
N CYS A 220 -28.34 34.45 5.30
CA CYS A 220 -27.09 34.92 4.65
C CYS A 220 -27.00 34.88 3.12
N ARG A 221 -26.57 35.98 2.53
CA ARG A 221 -26.26 35.94 1.13
C ARG A 221 -24.85 35.35 0.95
N MET A 222 -24.77 34.29 0.18
CA MET A 222 -23.50 33.61 -0.04
C MET A 222 -23.09 33.61 -1.52
N VAL A 223 -21.88 34.11 -1.81
CA VAL A 223 -21.28 34.05 -3.16
C VAL A 223 -20.15 32.99 -3.28
N PHE A 224 -20.29 32.02 -4.18
CA PHE A 224 -19.29 31.02 -4.45
C PHE A 224 -18.46 31.27 -5.72
N ILE A 225 -17.15 31.50 -5.57
CA ILE A 225 -16.26 31.80 -6.72
C ILE A 225 -15.63 30.47 -7.15
N GLY A 226 -16.11 29.94 -8.28
CA GLY A 226 -15.63 28.67 -8.84
C GLY A 226 -16.72 27.63 -8.80
N ALA A 227 -16.85 26.84 -9.87
CA ALA A 227 -17.79 25.74 -9.93
C ALA A 227 -17.10 24.39 -10.01
N GLY A 228 -15.90 24.30 -9.45
CA GLY A 228 -15.20 23.02 -9.39
C GLY A 228 -15.90 22.01 -8.50
N SER A 229 -15.29 20.84 -8.34
CA SER A 229 -15.95 19.73 -7.65
C SER A 229 -16.05 20.01 -6.16
N SER A 230 -15.04 20.67 -5.59
CA SER A 230 -15.11 21.13 -4.16
C SER A 230 -16.22 22.14 -3.90
N ASN A 231 -16.20 23.25 -4.63
CA ASN A 231 -17.16 24.31 -4.43
C ASN A 231 -18.63 23.88 -4.60
N THR A 232 -18.85 23.08 -5.63
CA THR A 232 -20.12 22.46 -5.97
C THR A 232 -20.66 21.68 -4.76
N THR A 233 -19.79 20.87 -4.15
CA THR A 233 -20.20 20.03 -3.03
C THR A 233 -20.38 20.87 -1.78
N CYS A 234 -19.58 21.94 -1.66
CA CYS A 234 -19.67 22.91 -0.55
C CYS A 234 -21.04 23.56 -0.54
N LEU A 235 -21.49 24.00 -1.72
CA LEU A 235 -22.79 24.61 -1.90
C LEU A 235 -23.87 23.62 -1.54
N ARG A 236 -23.79 22.41 -2.07
CA ARG A 236 -24.80 21.42 -1.79
C ARG A 236 -24.93 21.06 -0.30
N LEU A 237 -23.80 20.89 0.41
CA LEU A 237 -23.95 20.55 1.82
C LEU A 237 -24.50 21.71 2.58
N ILE A 238 -24.07 22.92 2.21
CA ILE A 238 -24.44 24.17 2.90
C ILE A 238 -25.95 24.49 2.81
N VAL A 239 -26.52 24.18 1.63
CA VAL A 239 -27.98 24.16 1.38
C VAL A 239 -28.63 23.08 2.24
N THR A 240 -28.19 21.84 2.16
CA THR A 240 -28.84 20.78 2.96
C THR A 240 -28.85 21.13 4.47
N ALA A 241 -27.79 21.81 4.92
CA ALA A 241 -27.63 22.21 6.32
C ALA A 241 -28.47 23.42 6.71
N GLY A 242 -29.09 24.05 5.72
CA GLY A 242 -30.13 25.06 5.99
C GLY A 242 -30.02 26.42 5.33
N ALA A 243 -29.09 26.60 4.39
CA ALA A 243 -28.98 27.92 3.74
C ALA A 243 -30.17 28.11 2.78
N ASP A 244 -30.44 29.34 2.39
CA ASP A 244 -31.51 29.60 1.43
C ASP A 244 -30.95 29.54 0.00
N PRO A 245 -31.41 28.57 -0.83
CA PRO A 245 -30.86 28.57 -2.21
C PRO A 245 -31.06 29.88 -2.97
N LYS A 246 -32.13 30.62 -2.66
CA LYS A 246 -32.44 31.87 -3.36
C LYS A 246 -31.40 32.97 -3.07
N LYS A 247 -30.71 32.83 -1.94
CA LYS A 247 -29.77 33.87 -1.50
C LYS A 247 -28.31 33.58 -1.93
N ILE A 248 -28.14 32.56 -2.76
CA ILE A 248 -26.83 31.97 -3.10
C ILE A 248 -26.48 32.21 -4.59
N VAL A 249 -25.27 32.68 -4.90
CA VAL A 249 -24.83 32.67 -6.28
C VAL A 249 -23.51 31.89 -6.44
N MET A 250 -23.47 30.94 -7.37
CA MET A 250 -22.17 30.41 -7.83
C MET A 250 -21.63 30.99 -9.20
N PHE A 251 -20.33 31.25 -9.31
CA PHE A 251 -19.74 31.64 -10.62
C PHE A 251 -18.77 30.59 -11.19
N ASP A 252 -18.87 30.32 -12.50
CA ASP A 252 -17.83 29.58 -13.19
C ASP A 252 -16.98 30.55 -14.04
N SER A 253 -16.14 30.04 -14.94
CA SER A 253 -15.28 30.91 -15.78
C SER A 253 -16.05 31.93 -16.65
N LYS A 254 -17.24 31.51 -17.10
CA LYS A 254 -18.07 32.22 -18.04
C LYS A 254 -19.16 33.10 -17.41
N GLY A 255 -19.15 33.29 -16.08
CA GLY A 255 -20.21 34.05 -15.38
C GLY A 255 -21.17 33.24 -14.48
N SER A 256 -22.11 33.93 -13.83
CA SER A 256 -22.94 33.30 -12.80
C SER A 256 -23.75 32.13 -13.31
N LEU A 257 -24.09 31.24 -12.39
CA LEU A 257 -24.93 30.12 -12.68
C LEU A 257 -26.37 30.54 -12.37
N HIS A 258 -27.27 30.13 -13.26
CA HIS A 258 -28.68 30.55 -13.27
C HIS A 258 -29.38 29.68 -14.32
N ASN A 259 -30.71 29.73 -14.37
CA ASN A 259 -31.48 28.83 -15.25
C ASN A 259 -31.39 29.14 -16.76
N GLY A 260 -30.70 30.23 -17.12
CA GLY A 260 -30.43 30.56 -18.54
C GLY A 260 -29.07 30.13 -19.13
N ARG A 261 -28.44 29.14 -18.48
CA ARG A 261 -27.18 28.57 -18.96
C ARG A 261 -27.43 27.32 -19.82
N GLU A 262 -27.70 27.54 -21.11
CA GLU A 262 -27.85 26.46 -22.11
C GLU A 262 -26.54 25.66 -22.12
N ASP A 263 -25.45 26.40 -22.25
CA ASP A 263 -24.11 26.08 -21.77
C ASP A 263 -24.09 24.79 -20.97
N ILE A 264 -24.44 24.93 -19.69
CA ILE A 264 -24.40 23.86 -18.70
C ILE A 264 -25.52 22.84 -18.92
N LYS A 265 -26.65 23.36 -19.36
CA LYS A 265 -27.86 22.56 -19.59
C LYS A 265 -27.64 21.13 -20.11
N LYS A 266 -27.20 20.98 -21.37
CA LYS A 266 -27.27 19.67 -22.08
C LYS A 266 -26.03 18.77 -21.96
N ASP A 267 -24.90 19.37 -21.58
CA ASP A 267 -23.72 18.62 -21.18
C ASP A 267 -23.94 17.95 -19.79
N THR A 268 -24.64 16.81 -19.76
CA THR A 268 -25.12 16.28 -18.49
C THR A 268 -24.04 15.61 -17.64
N ARG A 269 -22.81 15.73 -18.09
CA ARG A 269 -21.69 15.34 -17.28
C ARG A 269 -21.60 16.35 -16.14
N PHE A 270 -22.13 17.54 -16.40
CA PHE A 270 -22.16 18.65 -15.44
C PHE A 270 -23.53 18.82 -14.73
N TYR A 271 -24.26 17.73 -14.53
CA TYR A 271 -25.57 17.81 -13.88
C TYR A 271 -25.54 18.53 -12.49
N ARG A 272 -24.47 18.35 -11.69
CA ARG A 272 -24.39 19.05 -10.40
C ARG A 272 -24.41 20.58 -10.57
N LYS A 273 -23.70 21.11 -11.57
CA LYS A 273 -23.79 22.55 -11.80
C LYS A 273 -25.22 22.92 -12.27
N TRP A 274 -25.83 21.99 -13.01
CA TRP A 274 -27.19 22.20 -13.53
C TRP A 274 -28.28 22.33 -12.43
N GLU A 275 -28.28 21.39 -11.47
CA GLU A 275 -29.15 21.44 -10.27
C GLU A 275 -29.00 22.79 -9.56
N ILE A 276 -27.75 23.25 -9.44
CA ILE A 276 -27.43 24.56 -8.89
C ILE A 276 -27.89 25.72 -9.78
N CYS A 277 -27.91 25.49 -11.11
CA CYS A 277 -28.44 26.47 -12.05
C CYS A 277 -29.97 26.65 -11.86
N GLU A 278 -30.68 25.54 -11.69
CA GLU A 278 -32.12 25.53 -11.44
C GLU A 278 -32.57 26.20 -10.12
N THR A 279 -31.76 26.06 -9.06
CA THR A 279 -32.20 26.34 -7.66
C THR A 279 -31.64 27.61 -7.02
N THR A 280 -30.63 28.22 -7.62
CA THR A 280 -29.91 29.32 -6.95
C THR A 280 -30.00 30.59 -7.76
N ASN A 281 -29.59 31.70 -7.14
CA ASN A 281 -29.30 32.96 -7.87
C ASN A 281 -30.47 33.38 -8.77
N PRO A 282 -31.69 33.55 -8.18
CA PRO A 282 -32.91 33.88 -8.94
C PRO A 282 -32.68 35.14 -9.74
N SER A 283 -32.07 36.13 -9.09
CA SER A 283 -31.59 37.40 -9.64
C SER A 283 -30.68 37.44 -10.93
N LYS A 284 -30.11 36.31 -11.35
CA LYS A 284 -29.20 36.30 -12.52
C LYS A 284 -28.03 37.27 -12.45
N PHE A 285 -27.35 37.36 -11.32
CA PHE A 285 -26.26 38.33 -11.16
C PHE A 285 -25.28 38.36 -12.34
N GLY A 286 -24.92 39.55 -12.78
CA GLY A 286 -24.23 39.70 -14.04
C GLY A 286 -22.74 39.89 -13.90
N SER A 287 -22.27 40.03 -12.66
CA SER A 287 -20.84 40.05 -12.38
C SER A 287 -20.54 39.74 -10.90
N ILE A 288 -19.43 39.06 -10.66
CA ILE A 288 -18.99 38.74 -9.31
C ILE A 288 -19.13 39.96 -8.41
N ALA A 289 -18.70 41.12 -8.91
CA ALA A 289 -18.79 42.40 -8.15
C ALA A 289 -20.23 42.84 -7.81
N GLU A 290 -21.19 42.55 -8.69
CA GLU A 290 -22.61 42.83 -8.44
C GLU A 290 -23.08 41.89 -7.34
N ALA A 291 -22.70 40.64 -7.47
CA ALA A 291 -23.03 39.66 -6.47
C ALA A 291 -22.50 40.05 -5.07
N CYS A 292 -21.25 40.52 -4.99
CA CYS A 292 -20.58 40.65 -3.74
C CYS A 292 -21.08 41.75 -2.84
N VAL A 293 -21.49 42.87 -3.42
CA VAL A 293 -21.99 43.99 -2.60
C VAL A 293 -23.12 43.50 -1.66
N GLY A 294 -22.99 43.86 -0.39
CA GLY A 294 -23.88 43.35 0.63
C GLY A 294 -23.80 41.87 1.01
N ALA A 295 -22.91 41.11 0.39
CA ALA A 295 -22.84 39.68 0.69
C ALA A 295 -22.30 39.43 2.09
N ASP A 296 -22.67 38.26 2.62
CA ASP A 296 -22.25 37.85 3.95
C ASP A 296 -21.04 36.92 3.93
N VAL A 297 -21.06 36.01 2.98
CA VAL A 297 -20.15 34.90 2.87
C VAL A 297 -19.65 34.88 1.41
N LEU A 298 -18.34 34.66 1.26
CA LEU A 298 -17.67 34.56 -0.02
C LEU A 298 -16.78 33.37 0.15
N ILE A 299 -16.97 32.40 -0.74
CA ILE A 299 -16.24 31.13 -0.65
C ILE A 299 -15.61 30.80 -2.01
N SER A 300 -14.28 30.71 -2.04
CA SER A 300 -13.53 30.27 -3.22
C SER A 300 -12.57 29.10 -2.97
N LEU A 301 -12.57 28.15 -3.92
CA LEU A 301 -11.59 27.07 -4.05
C LEU A 301 -11.33 26.85 -5.54
N SER A 302 -10.73 27.87 -6.14
CA SER A 302 -10.37 27.87 -7.53
C SER A 302 -9.28 26.82 -7.72
N THR A 303 -9.57 25.75 -8.44
CA THR A 303 -8.51 24.80 -8.81
C THR A 303 -8.63 24.45 -10.32
N PRO A 304 -7.55 24.63 -11.11
CA PRO A 304 -6.29 25.33 -10.92
C PRO A 304 -6.17 26.36 -12.05
N GLY A 305 -5.16 27.23 -12.09
CA GLY A 305 -4.17 27.46 -11.05
C GLY A 305 -4.67 28.64 -10.25
N PRO A 306 -3.88 29.74 -10.18
CA PRO A 306 -4.18 30.80 -9.20
C PRO A 306 -5.57 31.36 -9.47
N GLY A 307 -6.41 31.46 -8.43
CA GLY A 307 -7.72 32.05 -8.59
C GLY A 307 -7.67 33.54 -8.34
N VAL A 308 -8.84 34.16 -8.31
CA VAL A 308 -8.93 35.58 -8.02
C VAL A 308 -10.01 35.85 -6.98
N VAL A 309 -9.61 36.52 -5.91
CA VAL A 309 -10.55 37.19 -5.04
C VAL A 309 -10.06 38.62 -4.88
N LYS A 310 -10.93 39.61 -5.13
CA LYS A 310 -10.50 41.02 -5.17
C LYS A 310 -10.76 41.71 -3.86
N ALA A 311 -9.87 42.64 -3.47
CA ALA A 311 -10.02 43.48 -2.29
C ALA A 311 -11.33 44.24 -2.32
N GLU A 312 -11.66 44.70 -3.54
CA GLU A 312 -12.84 45.53 -3.76
C GLU A 312 -14.14 44.71 -3.59
N TRP A 313 -14.15 43.46 -4.01
CA TRP A 313 -15.33 42.60 -3.74
C TRP A 313 -15.62 42.55 -2.23
N ILE A 314 -14.55 42.37 -1.44
CA ILE A 314 -14.60 42.15 0.01
C ILE A 314 -15.13 43.41 0.69
N LYS A 315 -14.52 44.55 0.36
CA LYS A 315 -14.86 45.87 0.81
C LYS A 315 -16.36 46.17 0.61
N SER A 316 -16.95 45.63 -0.45
CA SER A 316 -18.36 45.90 -0.74
C SER A 316 -19.32 44.98 0.03
N MET A 317 -18.78 43.95 0.67
CA MET A 317 -19.61 43.02 1.44
C MET A 317 -20.25 43.67 2.65
N GLY A 318 -21.18 42.98 3.29
CA GLY A 318 -21.86 43.51 4.48
C GLY A 318 -21.09 43.54 5.82
N GLU A 319 -21.86 43.54 6.90
CA GLU A 319 -21.35 43.58 8.23
C GLU A 319 -20.55 42.28 8.49
N LYS A 320 -19.27 42.45 8.86
CA LYS A 320 -18.43 41.32 9.29
C LYS A 320 -18.27 40.21 8.22
N PRO A 321 -17.65 40.55 7.10
CA PRO A 321 -17.53 39.55 6.07
C PRO A 321 -16.77 38.24 6.49
N ILE A 322 -17.34 37.12 6.09
CA ILE A 322 -16.70 35.84 6.18
C ILE A 322 -16.17 35.51 4.78
N VAL A 323 -14.85 35.33 4.66
CA VAL A 323 -14.22 35.02 3.38
C VAL A 323 -13.39 33.74 3.45
N PHE A 324 -13.77 32.69 2.68
CA PHE A 324 -12.90 31.50 2.57
C PHE A 324 -12.17 31.49 1.25
N CYS A 325 -10.84 31.53 1.30
CA CYS A 325 -9.98 31.48 0.10
C CYS A 325 -9.08 30.26 0.22
N CYS A 326 -9.51 29.12 -0.30
CA CYS A 326 -8.84 27.88 0.08
C CYS A 326 -7.90 27.27 -1.00
N ALA A 327 -7.63 28.02 -2.05
CA ALA A 327 -6.71 27.48 -3.07
C ALA A 327 -5.34 27.25 -2.45
N ASN A 328 -4.72 26.19 -2.88
CA ASN A 328 -3.40 25.81 -2.44
C ASN A 328 -2.49 25.73 -3.65
N PRO A 329 -1.17 26.05 -3.50
CA PRO A 329 -0.47 26.37 -2.22
C PRO A 329 -0.60 27.84 -1.83
N VAL A 330 -1.03 28.69 -2.78
CA VAL A 330 -1.28 30.10 -2.50
C VAL A 330 -2.79 30.39 -2.56
N PRO A 331 -3.39 30.89 -1.46
CA PRO A 331 -4.82 31.25 -1.60
C PRO A 331 -5.11 32.41 -2.55
N GLU A 332 -6.36 32.52 -2.94
CA GLU A 332 -6.78 33.52 -3.91
C GLU A 332 -6.39 34.94 -3.50
N ILE A 333 -6.35 35.19 -2.21
CA ILE A 333 -5.90 36.44 -1.67
C ILE A 333 -5.34 36.08 -0.30
N TYR A 334 -4.30 36.78 0.16
CA TYR A 334 -3.75 36.43 1.47
C TYR A 334 -4.60 37.05 2.58
N PRO A 335 -4.63 36.39 3.76
CA PRO A 335 -5.41 36.89 4.91
C PRO A 335 -5.20 38.37 5.22
N TYR A 336 -3.96 38.87 5.27
CA TYR A 336 -3.75 40.30 5.64
C TYR A 336 -4.37 41.24 4.58
N GLU A 337 -4.41 40.78 3.33
CA GLU A 337 -5.03 41.61 2.24
C GLU A 337 -6.52 41.62 2.44
N ALA A 338 -7.11 40.44 2.72
CA ALA A 338 -8.56 40.33 3.04
C ALA A 338 -8.96 41.09 4.32
N LYS A 339 -8.10 41.09 5.34
CA LYS A 339 -8.35 41.86 6.58
C LYS A 339 -8.32 43.39 6.32
N GLU A 340 -7.30 43.84 5.58
CA GLU A 340 -7.14 45.23 5.24
C GLU A 340 -8.36 45.71 4.51
N ALA A 341 -8.94 44.84 3.69
CA ALA A 341 -10.16 45.17 2.95
C ALA A 341 -11.49 45.02 3.75
N GLY A 342 -11.43 44.64 5.03
CA GLY A 342 -12.60 44.65 5.90
C GLY A 342 -13.12 43.29 6.33
N ALA A 343 -12.44 42.21 5.98
CA ALA A 343 -12.94 40.87 6.28
C ALA A 343 -12.83 40.63 7.78
N TYR A 344 -13.85 40.02 8.35
CA TYR A 344 -13.84 39.80 9.79
C TYR A 344 -13.22 38.43 10.14
N ILE A 345 -13.60 37.44 9.35
CA ILE A 345 -13.14 36.06 9.43
C ILE A 345 -12.62 35.65 8.05
N VAL A 346 -11.41 35.11 8.03
CA VAL A 346 -10.75 34.62 6.80
C VAL A 346 -10.16 33.24 7.06
N ALA A 347 -10.48 32.31 6.16
CA ALA A 347 -9.91 30.97 6.18
C ALA A 347 -9.13 30.74 4.91
N THR A 348 -8.08 29.93 5.02
CA THR A 348 -7.38 29.36 3.85
C THR A 348 -7.24 27.85 4.02
N GLY A 349 -6.64 27.23 3.02
CA GLY A 349 -6.32 25.81 3.05
C GLY A 349 -5.03 25.48 3.78
N ARG A 350 -4.31 26.49 4.25
CA ARG A 350 -2.96 26.31 4.80
C ARG A 350 -2.91 26.29 6.34
N GLY A 351 -2.00 25.50 6.91
CA GLY A 351 -1.78 25.53 8.36
C GLY A 351 -0.81 26.59 8.85
N ASP A 352 -0.30 27.45 7.95
CA ASP A 352 0.57 28.52 8.39
C ASP A 352 -0.14 29.85 8.53
N PHE A 353 -1.45 29.84 8.30
CA PHE A 353 -2.34 30.98 8.56
C PHE A 353 -3.42 30.50 9.47
N PRO A 354 -4.04 31.39 10.24
CA PRO A 354 -5.23 30.98 11.01
C PRO A 354 -6.36 30.37 10.16
N ASN A 355 -7.18 29.56 10.83
CA ASN A 355 -8.46 29.06 10.34
C ASN A 355 -8.23 28.16 9.14
N GLN A 356 -7.55 27.04 9.37
CA GLN A 356 -7.24 26.13 8.25
C GLN A 356 -8.46 25.31 7.96
N VAL A 357 -9.10 25.67 6.85
CA VAL A 357 -10.28 25.00 6.42
C VAL A 357 -9.79 24.10 5.30
N ASN A 358 -9.53 22.83 5.67
CA ASN A 358 -8.90 21.85 4.79
C ASN A 358 -9.47 20.47 5.16
N ASN A 359 -9.73 19.61 4.17
CA ASN A 359 -10.26 18.28 4.45
C ASN A 359 -9.48 17.38 5.47
N SER A 360 -8.19 17.66 5.71
CA SER A 360 -7.37 16.90 6.63
C SER A 360 -7.97 16.92 8.03
N VAL A 361 -8.86 17.85 8.24
CA VAL A 361 -9.55 17.98 9.50
C VAL A 361 -10.99 17.33 9.51
N GLY A 362 -11.32 16.63 8.42
CA GLY A 362 -12.61 15.91 8.28
C GLY A 362 -12.42 14.50 7.76
N PHE A 363 -11.55 14.30 6.78
CA PHE A 363 -11.38 12.89 6.28
C PHE A 363 -10.93 11.78 7.30
N PRO A 364 -10.05 12.10 8.26
CA PRO A 364 -9.62 11.01 9.16
C PRO A 364 -10.80 10.46 9.95
N GLY A 365 -11.66 11.37 10.36
CA GLY A 365 -12.85 11.06 11.16
C GLY A 365 -13.95 10.43 10.31
N ILE A 366 -14.22 11.00 9.13
CA ILE A 366 -15.19 10.38 8.20
C ILE A 366 -14.85 8.90 7.85
N LEU A 367 -13.65 8.66 7.33
CA LEU A 367 -13.27 7.34 6.95
C LEU A 367 -13.26 6.41 8.19
N LYS A 368 -12.73 6.88 9.30
CA LYS A 368 -12.57 5.98 10.41
C LYS A 368 -13.98 5.50 10.82
N GLY A 369 -14.93 6.44 10.86
CA GLY A 369 -16.30 6.12 11.26
C GLY A 369 -16.87 5.11 10.29
N ALA A 370 -16.67 5.40 9.00
CA ALA A 370 -17.22 4.55 7.96
C ALA A 370 -16.66 3.15 7.98
N LEU A 371 -15.37 3.03 8.29
CA LEU A 371 -14.70 1.75 8.35
C LEU A 371 -15.22 0.88 9.52
N ILE A 372 -15.48 1.53 10.67
CA ILE A 372 -15.83 0.78 11.89
C ILE A 372 -17.18 0.03 11.75
N VAL A 373 -18.18 0.71 11.23
CA VAL A 373 -19.53 0.16 11.05
C VAL A 373 -19.74 -0.30 9.59
N ARG A 374 -18.67 -0.35 8.80
CA ARG A 374 -18.77 -0.86 7.43
C ARG A 374 -19.87 -0.14 6.61
N ALA A 375 -19.86 1.18 6.59
CA ALA A 375 -20.78 1.88 5.72
C ALA A 375 -20.48 1.54 4.28
N ARG A 376 -21.57 1.41 3.55
CA ARG A 376 -21.54 1.07 2.13
C ARG A 376 -21.16 2.26 1.30
N LYS A 377 -21.56 3.45 1.73
CA LYS A 377 -21.37 4.69 0.95
C LYS A 377 -21.05 5.78 1.97
N ILE A 378 -20.38 6.87 1.56
CA ILE A 378 -20.31 8.04 2.40
C ILE A 378 -21.43 8.91 1.98
N THR A 379 -22.44 9.08 2.84
CA THR A 379 -23.62 9.89 2.45
C THR A 379 -23.33 11.33 2.77
N ASP A 380 -24.14 12.24 2.22
CA ASP A 380 -24.05 13.66 2.54
C ASP A 380 -24.36 13.87 4.04
N ASN A 381 -25.31 13.12 4.56
CA ASN A 381 -25.64 13.24 5.98
C ASN A 381 -24.43 12.96 6.86
N MET A 382 -23.68 11.92 6.49
CA MET A 382 -22.52 11.49 7.23
C MET A 382 -21.48 12.60 7.18
N ALA A 383 -21.24 13.17 5.99
CA ALA A 383 -20.36 14.33 5.86
C ALA A 383 -20.75 15.46 6.78
N ILE A 384 -22.06 15.68 6.88
CA ILE A 384 -22.60 16.81 7.68
C ILE A 384 -22.45 16.51 9.20
N ALA A 385 -22.63 15.28 9.59
CA ALA A 385 -22.44 14.93 10.99
C ALA A 385 -20.96 15.27 11.39
N ALA A 386 -20.00 14.94 10.52
CA ALA A 386 -18.61 15.26 10.80
C ALA A 386 -18.43 16.74 10.96
N SER A 387 -19.14 17.53 10.14
CA SER A 387 -19.07 18.99 10.24
C SER A 387 -19.54 19.49 11.58
N ARG A 388 -20.65 18.94 12.07
CA ARG A 388 -21.18 19.45 13.36
C ARG A 388 -20.23 19.05 14.46
N ALA A 389 -19.73 17.81 14.40
CA ALA A 389 -18.76 17.30 15.36
C ALA A 389 -17.52 18.18 15.40
N LEU A 390 -17.04 18.58 14.20
CA LEU A 390 -15.80 19.39 14.09
C LEU A 390 -16.04 20.79 14.64
N ALA A 391 -17.16 21.37 14.24
CA ALA A 391 -17.51 22.71 14.66
C ALA A 391 -17.78 22.73 16.18
N GLU A 392 -18.54 21.75 16.69
CA GLU A 392 -18.85 21.71 18.16
C GLU A 392 -17.58 21.44 18.99
N PHE A 393 -16.70 20.55 18.53
CA PHE A 393 -15.44 20.30 19.23
C PHE A 393 -14.69 21.61 19.37
N ALA A 394 -14.65 22.37 18.29
CA ALA A 394 -13.96 23.66 18.34
C ALA A 394 -14.63 24.65 19.30
N GLU A 395 -15.96 24.79 19.20
CA GLU A 395 -16.69 25.71 20.07
C GLU A 395 -16.55 25.40 21.57
N LYS A 396 -16.50 24.12 21.96
CA LYS A 396 -16.29 23.71 23.36
C LYS A 396 -14.96 24.22 24.01
N ARG A 397 -13.86 24.23 23.26
CA ARG A 397 -12.63 24.79 23.83
C ARG A 397 -12.45 26.26 23.48
N GLY A 398 -13.49 26.90 22.93
CA GLY A 398 -13.39 28.30 22.56
C GLY A 398 -13.05 28.60 21.09
N ILE A 399 -13.92 29.39 20.45
CA ILE A 399 -13.73 29.90 19.10
C ILE A 399 -13.70 31.45 19.09
N ASN A 400 -13.10 32.00 18.03
CA ASN A 400 -12.93 33.42 17.88
C ASN A 400 -12.56 33.70 16.43
N PRO A 401 -12.63 34.97 15.96
CA PRO A 401 -12.42 35.25 14.55
C PRO A 401 -11.14 34.62 13.99
N ASP A 402 -10.10 34.50 14.81
CA ASP A 402 -8.88 33.86 14.39
C ASP A 402 -8.74 32.40 14.75
N ASN A 403 -9.83 31.77 15.19
CA ASN A 403 -9.78 30.35 15.42
C ASN A 403 -11.18 29.80 15.42
N ILE A 404 -11.67 29.44 14.22
CA ILE A 404 -13.08 29.06 14.02
C ILE A 404 -13.35 27.55 13.89
N ILE A 405 -12.30 26.73 13.92
CA ILE A 405 -12.41 25.33 13.43
C ILE A 405 -11.36 24.50 14.15
N GLY A 406 -11.55 23.22 14.31
CA GLY A 406 -10.51 22.41 14.95
C GLY A 406 -9.32 22.21 14.03
N THR A 407 -8.17 21.97 14.64
CA THR A 407 -6.92 21.93 13.92
C THR A 407 -6.37 20.48 13.95
N MET A 408 -5.38 20.23 13.09
CA MET A 408 -4.74 18.94 12.99
C MET A 408 -3.92 18.59 14.23
N ASP A 409 -3.63 19.59 15.06
CA ASP A 409 -3.02 19.36 16.36
C ASP A 409 -3.97 18.87 17.50
N GLU A 410 -5.25 18.69 17.20
CA GLU A 410 -6.29 18.34 18.22
C GLU A 410 -6.90 16.93 17.95
N PRO A 411 -6.15 15.90 18.31
CA PRO A 411 -6.46 14.55 17.98
C PRO A 411 -7.80 14.07 18.51
N GLY A 412 -8.40 14.77 19.46
CA GLY A 412 -9.71 14.34 20.01
C GLY A 412 -10.81 14.63 19.02
N ILE A 413 -10.59 15.57 18.09
CA ILE A 413 -11.58 15.80 17.05
C ILE A 413 -11.96 14.46 16.44
N PHE A 414 -10.98 13.58 16.23
CA PHE A 414 -11.26 12.55 15.25
C PHE A 414 -12.06 11.34 15.74
N PRO A 415 -11.87 10.88 16.98
CA PRO A 415 -12.79 9.84 17.48
C PRO A 415 -14.18 10.38 17.64
N LYS A 416 -14.32 11.65 17.91
CA LYS A 416 -15.66 12.22 17.98
C LYS A 416 -16.30 12.26 16.55
N GLU A 417 -15.56 12.77 15.55
CA GLU A 417 -16.05 12.64 14.15
C GLU A 417 -16.43 11.20 13.85
N ALA A 418 -15.60 10.26 14.26
CA ALA A 418 -15.80 8.89 13.85
C ALA A 418 -17.11 8.36 14.41
N ALA A 419 -17.37 8.67 15.70
CA ALA A 419 -18.58 8.16 16.37
C ALA A 419 -19.81 8.85 15.83
N ASP A 420 -19.77 10.16 15.62
CA ASP A 420 -20.96 10.83 15.04
C ASP A 420 -21.29 10.35 13.59
N VAL A 421 -20.25 10.26 12.74
CA VAL A 421 -20.39 9.75 11.38
C VAL A 421 -20.94 8.31 11.38
N ALA A 422 -20.51 7.50 12.33
CA ALA A 422 -20.98 6.10 12.43
C ALA A 422 -22.46 5.99 12.75
N MET A 423 -22.94 6.88 13.62
CA MET A 423 -24.29 6.80 14.12
C MET A 423 -25.19 7.24 12.98
N GLN A 424 -24.79 8.34 12.35
CA GLN A 424 -25.40 8.85 11.13
C GLN A 424 -25.42 7.77 10.05
N ALA A 425 -24.35 6.98 9.88
CA ALA A 425 -24.38 5.92 8.83
C ALA A 425 -25.49 4.91 9.15
N ILE A 426 -25.52 4.42 10.40
CA ILE A 426 -26.67 3.62 10.89
C ILE A 426 -28.03 4.31 10.64
N LYS A 427 -28.16 5.58 11.03
CA LYS A 427 -29.41 6.27 10.77
C LYS A 427 -29.77 6.38 9.25
N ASP A 428 -28.77 6.58 8.40
CA ASP A 428 -28.99 6.66 6.96
C ASP A 428 -29.31 5.27 6.34
N GLY A 429 -29.00 4.19 7.05
CA GLY A 429 -29.27 2.84 6.57
C GLY A 429 -28.18 2.27 5.68
N VAL A 430 -27.02 2.94 5.68
CA VAL A 430 -25.87 2.47 4.92
C VAL A 430 -24.88 1.61 5.72
N ALA A 431 -25.05 1.54 7.05
CA ALA A 431 -24.16 0.73 7.88
C ALA A 431 -24.48 -0.75 7.85
N ARG A 432 -23.42 -1.56 7.77
CA ARG A 432 -23.50 -3.01 7.75
C ARG A 432 -23.19 -3.60 9.12
N VAL A 433 -22.86 -2.73 10.05
CA VAL A 433 -22.69 -3.07 11.47
C VAL A 433 -23.53 -2.04 12.20
N THR A 434 -24.68 -2.51 12.73
CA THR A 434 -25.77 -1.60 13.15
C THR A 434 -26.08 -1.51 14.66
N ASP A 435 -25.47 -2.36 15.45
CA ASP A 435 -25.89 -2.37 16.83
C ASP A 435 -24.84 -1.86 17.83
N LEU A 436 -23.83 -1.10 17.36
CA LEU A 436 -22.87 -0.48 18.28
C LEU A 436 -23.36 0.89 18.71
N THR A 437 -23.03 1.30 19.91
CA THR A 437 -23.49 2.56 20.37
C THR A 437 -22.43 3.63 20.01
N TRP A 438 -22.74 4.88 20.32
CA TRP A 438 -21.80 5.96 20.09
C TRP A 438 -20.50 5.67 20.88
N GLN A 439 -20.66 5.26 22.15
CA GLN A 439 -19.48 5.09 23.00
C GLN A 439 -18.60 3.93 22.48
N GLN A 440 -19.21 2.85 22.04
CA GLN A 440 -18.43 1.71 21.57
C GLN A 440 -17.61 2.10 20.34
N VAL A 441 -18.17 2.97 19.49
CA VAL A 441 -17.50 3.36 18.25
C VAL A 441 -16.40 4.33 18.57
N TYR A 442 -16.70 5.29 19.46
CA TYR A 442 -15.73 6.24 19.98
C TYR A 442 -14.56 5.50 20.54
N ASP A 443 -14.85 4.48 21.36
CA ASP A 443 -13.77 3.72 22.04
C ASP A 443 -12.79 3.05 21.04
N ILE A 444 -13.35 2.50 19.97
CA ILE A 444 -12.54 1.82 18.97
C ILE A 444 -11.69 2.84 18.24
N ALA A 445 -12.24 4.01 17.98
CA ALA A 445 -11.54 5.01 17.19
C ALA A 445 -10.43 5.55 18.05
N GLU A 446 -10.78 5.89 19.29
CA GLU A 446 -9.83 6.52 20.16
C GLU A 446 -8.66 5.59 20.45
N HIS A 447 -8.96 4.30 20.64
CA HIS A 447 -7.94 3.33 20.93
C HIS A 447 -6.99 3.17 19.74
N ASP A 448 -7.54 3.13 18.53
CA ASP A 448 -6.69 3.06 17.31
C ASP A 448 -5.76 4.28 17.05
N ILE A 449 -6.29 5.45 17.26
CA ILE A 449 -5.64 6.71 16.98
C ILE A 449 -4.53 6.90 18.01
N LYS A 450 -4.87 6.71 19.29
CA LYS A 450 -3.88 6.65 20.40
C LYS A 450 -2.75 5.63 20.21
N GLU A 451 -3.08 4.41 19.80
CA GLU A 451 -2.05 3.42 19.47
C GLU A 451 -1.15 3.90 18.31
N ALA A 452 -1.74 4.54 17.32
CA ALA A 452 -0.99 4.96 16.13
C ALA A 452 -0.05 6.09 16.49
N ARG A 453 -0.58 7.07 17.24
CA ARG A 453 0.20 8.22 17.67
C ARG A 453 1.35 7.84 18.58
N GLU A 454 1.05 7.00 19.57
CA GLU A 454 2.07 6.54 20.51
C GLU A 454 3.08 5.62 19.84
N SER A 455 2.63 4.79 18.91
CA SER A 455 3.61 4.01 18.17
C SER A 455 4.58 4.92 17.44
N ALA A 456 4.01 5.88 16.70
CA ALA A 456 4.83 6.85 15.96
C ALA A 456 5.78 7.64 16.90
N GLN A 457 5.29 8.05 18.08
CA GLN A 457 6.10 8.86 19.00
C GLN A 457 7.26 8.05 19.53
N LEU A 458 7.00 6.78 19.83
CA LEU A 458 8.01 5.89 20.34
C LEU A 458 9.11 5.73 19.30
N LEU A 459 8.76 5.65 18.01
CA LEU A 459 9.77 5.42 16.97
C LEU A 459 10.72 6.63 16.83
N GLN A 460 10.17 7.84 16.90
CA GLN A 460 10.96 9.10 17.03
C GLN A 460 11.80 9.20 18.32
N ASP A 461 11.15 9.03 19.49
CA ASP A 461 11.86 9.16 20.77
C ASP A 461 13.02 8.19 20.81
N SER A 462 12.79 6.96 20.35
CA SER A 462 13.85 5.96 20.05
C SER A 462 14.92 6.27 19.02
N LYS A 463 14.76 7.31 18.21
CA LYS A 463 15.78 7.59 17.20
C LYS A 463 15.71 6.64 16.02
N HIS A 464 14.65 5.85 15.91
CA HIS A 464 14.53 5.10 14.66
C HIS A 464 14.08 6.03 13.52
N ILE A 465 13.28 7.04 13.86
CA ILE A 465 13.10 8.21 13.04
C ILE A 465 14.07 9.29 13.58
N VAL A 466 15.06 9.61 12.78
CA VAL A 466 16.16 10.51 13.14
C VAL A 466 15.61 11.94 13.25
N ASP A 467 16.14 12.77 14.17
CA ASP A 467 15.75 14.18 14.23
C ASP A 467 16.23 14.84 12.98
N PHE A 468 15.48 15.81 12.47
CA PHE A 468 15.86 16.53 11.27
C PHE A 468 16.96 17.54 11.59
N PRO A 469 17.97 17.67 10.71
CA PRO A 469 19.12 18.51 11.10
C PRO A 469 18.73 19.99 11.28
N GLN A 470 19.08 20.55 12.44
CA GLN A 470 18.94 21.97 12.69
C GLN A 470 19.60 22.81 11.59
N GLU A 471 20.77 22.39 11.10
CA GLU A 471 21.49 23.12 10.06
C GLU A 471 20.58 23.29 8.80
N THR A 472 19.69 22.36 8.56
CA THR A 472 18.95 22.42 7.32
C THR A 472 17.78 23.34 7.51
N LEU A 473 17.27 23.39 8.72
CA LEU A 473 16.22 24.34 9.09
C LEU A 473 16.72 25.75 8.85
N ASN A 474 17.93 26.01 9.36
CA ASN A 474 18.54 27.34 9.31
C ASN A 474 18.76 27.69 7.86
N GLU A 475 19.19 26.74 7.02
CA GLU A 475 19.31 27.00 5.57
C GLU A 475 18.00 27.33 4.89
N CYS A 476 16.95 26.57 5.22
CA CYS A 476 15.68 26.87 4.58
C CYS A 476 15.17 28.26 4.93
N LEU A 477 15.39 28.67 6.17
CA LEU A 477 14.99 30.03 6.62
C LEU A 477 15.70 31.12 5.78
N ALA A 478 17.02 31.15 5.83
CA ALA A 478 17.84 32.02 5.01
C ALA A 478 17.38 32.02 3.54
N TYR A 479 17.14 30.84 2.99
CA TYR A 479 16.68 30.71 1.62
C TYR A 479 15.41 31.52 1.43
N ALA A 480 14.47 31.36 2.37
CA ALA A 480 13.17 31.98 2.21
C ALA A 480 13.33 33.48 2.28
N ILE A 481 14.11 33.95 3.25
CA ILE A 481 14.36 35.37 3.46
C ILE A 481 15.04 35.92 2.24
N ASN A 482 16.09 35.24 1.80
CA ASN A 482 16.81 35.64 0.57
C ASN A 482 15.94 35.79 -0.67
N LYS A 483 15.05 34.84 -0.89
CA LYS A 483 14.10 34.96 -1.97
C LYS A 483 13.33 36.30 -1.88
N VAL A 484 13.03 36.81 -0.69
CA VAL A 484 12.14 37.99 -0.59
C VAL A 484 12.84 39.38 -0.49
N THR A 485 14.07 39.38 0.03
CA THR A 485 14.88 40.57 0.18
C THR A 485 15.92 40.66 -0.94
N GLY A 486 15.95 39.64 -1.83
CA GLY A 486 16.81 39.58 -3.03
C GLY A 486 18.11 38.83 -2.91
N MET B 1 0.27 -32.75 29.29
CA MET B 1 1.46 -32.19 30.02
C MET B 1 2.10 -30.91 29.32
N ALA B 2 2.82 -31.11 28.20
CA ALA B 2 3.66 -30.03 27.64
C ALA B 2 2.91 -28.85 27.00
N GLN B 3 3.41 -27.66 27.19
CA GLN B 3 2.72 -26.42 26.84
C GLN B 3 3.63 -25.61 25.94
N LEU B 4 3.09 -25.06 24.86
CA LEU B 4 3.90 -24.28 23.94
C LEU B 4 4.46 -23.06 24.63
N LYS B 5 5.75 -22.79 24.40
CA LYS B 5 6.34 -21.47 24.73
C LYS B 5 5.81 -20.38 23.79
N ALA B 6 5.79 -19.11 24.26
CA ALA B 6 5.28 -17.95 23.50
C ALA B 6 6.01 -17.78 22.15
N ASP B 7 7.28 -18.17 22.09
CA ASP B 7 8.07 -18.12 20.85
C ASP B 7 7.90 -19.35 19.94
N LEU B 8 7.01 -20.26 20.34
CA LEU B 8 6.71 -21.47 19.60
C LEU B 8 7.91 -22.39 19.31
N SER B 9 9.00 -22.27 20.05
CA SER B 9 10.22 -22.94 19.71
C SER B 9 10.27 -24.43 20.11
N ASN B 10 9.20 -24.92 20.74
CA ASN B 10 9.19 -26.24 21.34
C ASN B 10 7.95 -27.00 20.91
N LEU B 11 7.54 -26.75 19.68
CA LEU B 11 6.38 -27.48 19.19
C LEU B 11 6.63 -28.98 19.11
N GLU B 12 7.84 -29.41 18.75
CA GLU B 12 8.12 -30.86 18.61
C GLU B 12 7.94 -31.57 19.96
N GLU B 13 8.46 -30.94 21.00
CA GLU B 13 8.37 -31.46 22.35
C GLU B 13 6.96 -31.48 22.90
N CYS B 14 6.03 -30.76 22.29
CA CYS B 14 4.66 -30.67 22.83
C CYS B 14 3.76 -31.67 22.14
N LEU B 15 4.29 -32.34 21.14
CA LEU B 15 3.52 -33.33 20.46
C LEU B 15 3.82 -34.63 21.20
N PRO B 16 2.77 -35.35 21.63
CA PRO B 16 2.95 -36.58 22.39
C PRO B 16 3.91 -37.55 21.69
N SER B 17 4.75 -38.23 22.48
CA SER B 17 5.72 -39.19 21.97
C SER B 17 5.01 -40.38 21.35
N THR B 18 3.75 -40.58 21.72
CA THR B 18 2.88 -41.62 21.18
C THR B 18 2.42 -41.44 19.72
N LEU B 19 2.38 -40.23 19.19
CA LEU B 19 1.99 -40.14 17.80
C LEU B 19 3.01 -40.81 16.84
N SER B 20 2.50 -41.32 15.73
CA SER B 20 3.37 -41.83 14.67
C SER B 20 3.94 -40.68 13.87
N GLN B 21 4.85 -40.97 12.95
CA GLN B 21 5.46 -39.92 12.16
C GLN B 21 4.49 -39.26 11.22
N GLU B 22 3.52 -39.98 10.66
CA GLU B 22 2.52 -39.30 9.85
C GLU B 22 1.59 -38.47 10.73
N GLN B 23 1.39 -38.88 11.97
CA GLN B 23 0.55 -38.08 12.87
C GLN B 23 1.24 -36.78 13.30
N ARG B 24 2.54 -36.79 13.60
CA ARG B 24 3.31 -35.57 13.89
C ARG B 24 3.24 -34.59 12.72
N ALA B 25 3.38 -35.09 11.49
CA ALA B 25 3.36 -34.26 10.30
C ALA B 25 2.03 -33.65 10.09
N VAL B 26 0.97 -34.42 10.24
CA VAL B 26 -0.38 -33.91 9.97
C VAL B 26 -0.83 -32.95 11.08
N ALA B 27 -0.49 -33.30 12.32
CA ALA B 27 -0.70 -32.42 13.46
C ALA B 27 0.03 -31.09 13.28
N LYS B 28 1.31 -31.12 12.94
CA LYS B 28 2.01 -29.88 12.63
C LYS B 28 1.22 -29.03 11.62
N THR B 29 0.79 -29.64 10.52
CA THR B 29 0.08 -28.82 9.55
C THR B 29 -1.28 -28.30 10.04
N GLN B 30 -2.02 -29.08 10.83
CA GLN B 30 -3.28 -28.64 11.45
C GLN B 30 -3.07 -27.56 12.54
N PHE B 31 -2.08 -27.74 13.40
CA PHE B 31 -1.73 -26.67 14.34
C PHE B 31 -1.55 -25.32 13.63
N TYR B 32 -0.60 -25.25 12.70
CA TYR B 32 -0.37 -23.98 11.99
C TYR B 32 -1.57 -23.50 11.22
N LYS B 33 -2.41 -24.39 10.69
CA LYS B 33 -3.63 -23.89 10.03
C LYS B 33 -4.59 -23.24 11.05
N GLU B 34 -4.82 -23.91 12.16
CA GLU B 34 -5.71 -23.39 13.19
C GLU B 34 -5.11 -22.14 13.85
N LEU B 35 -3.82 -22.20 14.19
CA LEU B 35 -3.10 -20.98 14.68
C LEU B 35 -3.12 -19.76 13.72
N ALA B 36 -2.86 -19.98 12.44
CA ALA B 36 -3.05 -18.93 11.44
C ALA B 36 -4.44 -18.32 11.55
N GLU B 37 -5.46 -19.17 11.65
CA GLU B 37 -6.81 -18.64 11.80
C GLU B 37 -6.89 -17.71 13.02
N LYS B 38 -6.33 -18.15 14.12
CA LYS B 38 -6.52 -17.42 15.35
C LYS B 38 -5.68 -16.13 15.37
N VAL B 39 -4.45 -16.21 14.87
CA VAL B 39 -3.52 -15.10 14.98
C VAL B 39 -3.91 -13.97 14.02
N HIS B 40 -4.31 -14.32 12.81
CA HIS B 40 -4.62 -13.28 11.84
C HIS B 40 -5.80 -12.46 12.35
N LYS B 41 -6.77 -13.13 12.96
CA LYS B 41 -7.97 -12.48 13.45
C LYS B 41 -7.60 -11.65 14.67
N PHE B 42 -6.74 -12.18 15.55
CA PHE B 42 -6.33 -11.45 16.77
C PHE B 42 -5.77 -10.05 16.50
N TYR B 43 -4.85 -9.96 15.53
CA TYR B 43 -4.17 -8.73 15.14
C TYR B 43 -4.82 -8.08 13.94
N LYS B 44 -5.90 -8.67 13.44
CA LYS B 44 -6.59 -8.13 12.21
C LYS B 44 -5.64 -7.98 11.01
N GLY B 45 -4.83 -9.00 10.76
CA GLY B 45 -3.79 -8.97 9.73
C GLY B 45 -2.39 -9.00 10.32
N LYS B 46 -1.42 -8.53 9.53
CA LYS B 46 -0.06 -8.71 9.88
C LYS B 46 0.78 -7.44 9.70
N ILE B 47 0.41 -6.56 8.75
CA ILE B 47 1.14 -5.30 8.58
C ILE B 47 0.33 -4.01 8.86
N GLN B 48 0.98 -2.86 8.89
CA GLN B 48 0.27 -1.59 9.16
C GLN B 48 1.15 -0.52 8.53
N ILE B 49 0.61 0.66 8.30
CA ILE B 49 1.43 1.74 7.81
C ILE B 49 1.89 2.60 9.01
N MET B 50 3.10 3.16 8.95
CA MET B 50 3.58 4.05 10.03
C MET B 50 4.27 5.31 9.48
N PRO B 51 4.25 6.45 10.21
CA PRO B 51 5.17 7.54 9.80
C PRO B 51 6.61 7.06 9.79
N LYS B 52 7.46 7.65 8.94
CA LYS B 52 8.89 7.46 9.01
C LYS B 52 9.61 8.80 8.98
N CYS B 53 8.88 9.88 9.19
CA CYS B 53 9.41 11.25 9.13
C CYS B 53 9.14 11.94 10.44
N THR B 54 9.87 13.02 10.74
CA THR B 54 9.69 13.77 12.02
C THR B 54 8.28 14.33 12.19
N LEU B 55 7.67 14.07 13.34
CA LEU B 55 6.40 14.71 13.70
C LEU B 55 6.57 15.58 14.98
N ALA B 56 7.60 16.42 14.97
CA ALA B 56 8.00 17.25 16.11
C ALA B 56 6.99 18.28 16.55
N GLY B 57 6.09 18.65 15.65
CA GLY B 57 5.14 19.69 15.95
C GLY B 57 4.22 19.99 14.79
N PHE B 58 3.15 20.72 15.10
CA PHE B 58 2.06 20.92 14.17
C PHE B 58 2.53 21.46 12.83
N ASN B 59 3.45 22.41 12.84
CA ASN B 59 3.81 23.08 11.63
C ASN B 59 4.61 22.23 10.61
N TRP B 60 5.11 21.07 11.02
CA TRP B 60 5.75 20.16 10.07
C TRP B 60 4.74 19.72 8.95
N PHE B 61 3.45 19.71 9.31
CA PHE B 61 2.44 19.44 8.34
C PHE B 61 2.47 20.44 7.17
N ASN B 62 2.83 21.70 7.42
CA ASN B 62 2.95 22.71 6.36
C ASN B 62 3.99 22.36 5.29
N ALA B 63 4.89 21.43 5.63
CA ALA B 63 5.96 20.98 4.73
C ALA B 63 5.56 19.61 4.15
N TYR B 64 4.85 18.80 4.93
CA TYR B 64 4.32 17.53 4.47
C TYR B 64 3.07 17.59 3.59
N TYR B 65 2.43 18.75 3.65
CA TYR B 65 1.10 18.99 3.19
C TYR B 65 1.10 20.44 2.69
N THR B 66 -0.05 21.04 2.51
CA THR B 66 -0.09 22.39 1.96
C THR B 66 0.39 23.38 3.00
N PRO B 67 1.15 24.41 2.57
CA PRO B 67 1.46 24.66 1.15
C PRO B 67 2.70 23.92 0.65
N GLY B 68 3.59 23.49 1.55
CA GLY B 68 4.92 23.03 1.10
C GLY B 68 4.92 21.90 0.05
N VAL B 69 3.99 20.95 0.17
CA VAL B 69 3.99 19.74 -0.61
C VAL B 69 3.91 20.04 -2.12
N SER B 70 3.43 21.25 -2.44
CA SER B 70 3.38 21.71 -3.83
C SER B 70 4.73 21.63 -4.56
N ARG B 71 5.83 22.00 -3.88
CA ARG B 71 7.15 21.89 -4.50
C ARG B 71 7.42 20.42 -4.86
N ILE B 72 6.93 19.48 -4.06
CA ILE B 72 7.13 18.09 -4.41
C ILE B 72 6.41 17.72 -5.71
N SER B 73 5.15 18.14 -5.86
CA SER B 73 4.36 17.86 -7.05
C SER B 73 5.02 18.51 -8.28
N THR B 74 5.53 19.71 -8.17
CA THR B 74 6.12 20.31 -9.34
C THR B 74 7.50 19.75 -9.67
N ASN B 75 8.30 19.48 -8.62
CA ASN B 75 9.56 18.77 -8.78
C ASN B 75 9.34 17.44 -9.47
N ILE B 76 8.29 16.70 -9.10
CA ILE B 76 8.04 15.42 -9.75
C ILE B 76 7.54 15.56 -11.21
N ARG B 77 6.57 16.45 -11.44
CA ARG B 77 6.06 16.76 -12.76
C ARG B 77 7.22 17.01 -13.74
N ASP B 78 8.23 17.74 -13.27
CA ASP B 78 9.33 18.16 -14.12
C ASP B 78 10.49 17.17 -14.23
N ASN B 79 10.53 16.22 -13.30
CA ASN B 79 11.60 15.26 -13.16
C ASN B 79 11.04 13.98 -12.48
N ASN B 80 10.39 13.14 -13.27
CA ASN B 80 9.67 11.97 -12.76
C ASN B 80 10.54 11.09 -11.85
N ASP B 81 11.84 10.94 -12.16
CA ASP B 81 12.76 10.10 -11.42
C ASP B 81 12.88 10.63 -9.96
N SER B 82 12.53 11.86 -9.69
CA SER B 82 12.64 12.32 -8.31
C SER B 82 11.50 11.81 -7.47
N SER B 83 10.54 11.11 -8.08
CA SER B 83 9.52 10.51 -7.24
C SER B 83 10.15 9.40 -6.39
N LEU B 84 11.32 8.91 -6.81
CA LEU B 84 12.01 7.84 -6.13
C LEU B 84 12.64 8.25 -4.80
N PHE B 85 13.04 9.51 -4.65
CA PHE B 85 13.58 10.03 -3.38
C PHE B 85 12.69 11.06 -2.61
N TYR B 86 11.61 11.56 -3.22
CA TYR B 86 10.71 12.48 -2.57
C TYR B 86 9.49 11.75 -1.99
N SER B 87 9.31 10.48 -2.36
CA SER B 87 8.24 9.68 -1.81
C SER B 87 8.77 8.25 -1.51
N LEU B 88 7.94 7.42 -0.93
CA LEU B 88 8.35 6.09 -0.51
C LEU B 88 8.62 5.20 -1.73
N ARG B 89 8.29 5.72 -2.92
CA ARG B 89 8.29 4.95 -4.15
C ARG B 89 9.58 4.19 -4.32
N GLY B 90 10.71 4.86 -4.01
CA GLY B 90 12.01 4.24 -4.19
C GLY B 90 12.18 2.92 -3.44
N ASN B 91 11.38 2.70 -2.38
CA ASN B 91 11.50 1.51 -1.50
C ASN B 91 10.17 0.75 -1.35
N PHE B 92 9.33 0.86 -2.37
CA PHE B 92 7.92 0.43 -2.31
C PHE B 92 7.71 -0.59 -3.42
N VAL B 93 7.32 -1.79 -3.00
CA VAL B 93 7.03 -2.94 -3.87
C VAL B 93 5.52 -3.30 -3.82
N GLY B 94 4.85 -3.39 -4.98
CA GLY B 94 3.49 -3.92 -5.05
C GLY B 94 3.52 -5.45 -5.15
N VAL B 95 2.70 -6.09 -4.33
CA VAL B 95 2.69 -7.55 -4.26
C VAL B 95 1.36 -7.85 -4.95
N VAL B 96 1.44 -7.91 -6.28
CA VAL B 96 0.27 -7.99 -7.16
C VAL B 96 -0.05 -9.45 -7.49
N SER B 97 -1.31 -9.84 -7.25
CA SER B 97 -1.82 -11.16 -7.57
C SER B 97 -3.26 -11.01 -7.94
N ASP B 98 -3.77 -11.94 -8.73
CA ASP B 98 -5.20 -12.03 -9.07
C ASP B 98 -5.80 -13.21 -8.31
N SER B 99 -5.00 -13.84 -7.44
CA SER B 99 -5.37 -15.01 -6.65
C SER B 99 -5.77 -16.27 -7.45
N THR B 100 -5.22 -16.47 -8.64
CA THR B 100 -5.69 -17.61 -9.44
C THR B 100 -4.94 -18.88 -9.07
N ARG B 101 -3.80 -18.73 -8.44
CA ARG B 101 -3.05 -19.90 -8.03
C ARG B 101 -2.34 -19.62 -6.70
N VAL B 102 -3.12 -19.63 -5.62
CA VAL B 102 -2.55 -19.26 -4.34
C VAL B 102 -2.08 -20.50 -3.62
N LEU B 103 -0.78 -20.73 -3.64
CA LEU B 103 -0.20 -22.01 -3.17
C LEU B 103 -0.97 -23.18 -3.85
N GLY B 104 -0.98 -24.37 -3.22
CA GLY B 104 -1.69 -25.50 -3.80
C GLY B 104 -3.20 -25.39 -3.71
N ASP B 105 -3.76 -24.31 -3.13
CA ASP B 105 -5.23 -24.17 -3.03
C ASP B 105 -5.95 -23.62 -4.24
N GLY B 106 -5.22 -23.19 -5.26
CA GLY B 106 -5.81 -22.82 -6.53
C GLY B 106 -6.41 -21.42 -6.63
N ASP B 107 -7.52 -21.30 -7.34
CA ASP B 107 -8.18 -20.04 -7.48
C ASP B 107 -9.02 -19.78 -6.22
N VAL B 108 -8.57 -18.87 -5.37
CA VAL B 108 -9.23 -18.73 -4.07
C VAL B 108 -10.10 -17.48 -4.03
N THR B 109 -10.32 -16.89 -5.21
CA THR B 109 -11.10 -15.67 -5.38
C THR B 109 -10.26 -14.41 -5.13
N PRO B 110 -10.68 -13.27 -5.73
CA PRO B 110 -9.75 -12.13 -5.72
C PRO B 110 -9.23 -11.63 -4.33
N PRO B 111 -10.10 -11.42 -3.32
CA PRO B 111 -9.56 -11.15 -1.96
C PRO B 111 -8.92 -12.39 -1.31
N GLY B 112 -9.11 -13.55 -1.90
CA GLY B 112 -8.60 -14.75 -1.24
C GLY B 112 -7.09 -14.81 -1.04
N GLY B 113 -6.34 -14.05 -1.84
CA GLY B 113 -4.87 -14.04 -1.77
C GLY B 113 -4.19 -13.12 -0.78
N LEU B 114 -5.02 -12.40 -0.03
CA LEU B 114 -4.61 -11.46 0.97
C LEU B 114 -3.73 -12.04 2.08
N GLY B 115 -4.07 -13.22 2.60
CA GLY B 115 -3.24 -13.80 3.64
C GLY B 115 -1.83 -13.99 3.10
N VAL B 116 -1.71 -14.61 1.92
CA VAL B 116 -0.41 -14.93 1.33
C VAL B 116 0.30 -13.63 0.96
N MET B 117 -0.43 -12.71 0.30
CA MET B 117 0.26 -11.49 -0.20
C MET B 117 0.70 -10.61 0.94
N GLU B 118 -0.21 -10.45 1.94
CA GLU B 118 0.18 -9.81 3.21
C GLU B 118 1.38 -10.51 3.92
N GLY B 119 1.47 -11.84 3.85
CA GLY B 119 2.68 -12.50 4.40
C GLY B 119 3.94 -12.16 3.62
N LYS B 120 3.83 -12.10 2.29
CA LYS B 120 4.99 -11.68 1.47
C LYS B 120 5.39 -10.26 1.91
N ALA B 121 4.39 -9.40 2.10
CA ALA B 121 4.65 -7.96 2.38
C ALA B 121 5.34 -7.81 3.73
N LEU B 122 4.85 -8.56 4.70
CA LEU B 122 5.51 -8.69 6.03
C LEU B 122 6.98 -9.12 5.99
N LEU B 123 7.28 -10.12 5.17
CA LEU B 123 8.62 -10.67 5.06
C LEU B 123 9.52 -9.72 4.33
N MET B 124 8.96 -8.99 3.39
CA MET B 124 9.76 -7.97 2.69
C MET B 124 10.30 -6.92 3.64
N LYS B 125 9.46 -6.46 4.58
CA LYS B 125 9.90 -5.47 5.60
C LYS B 125 10.90 -6.08 6.56
N TYR B 126 10.49 -7.12 7.26
CA TYR B 126 11.28 -7.75 8.30
C TYR B 126 12.58 -8.46 7.84
N LEU B 127 12.58 -8.98 6.61
CA LEU B 127 13.76 -9.67 6.12
C LEU B 127 14.55 -8.74 5.23
N GLY B 128 13.83 -7.93 4.48
CA GLY B 128 14.47 -7.21 3.40
C GLY B 128 14.58 -5.68 3.57
N GLY B 129 13.89 -5.11 4.57
CA GLY B 129 13.91 -3.66 4.74
C GLY B 129 13.25 -2.91 3.58
N ILE B 130 12.20 -3.55 3.04
CA ILE B 130 11.44 -3.12 1.87
C ILE B 130 10.04 -2.78 2.36
N ASP B 131 9.45 -1.70 1.86
CA ASP B 131 8.03 -1.35 2.15
C ASP B 131 7.14 -1.92 1.05
N ALA B 132 6.19 -2.75 1.43
CA ALA B 132 5.40 -3.45 0.46
C ALA B 132 4.00 -3.64 0.97
N VAL B 133 3.04 -3.61 0.03
CA VAL B 133 1.67 -3.95 0.32
C VAL B 133 1.08 -5.01 -0.66
N PRO B 134 0.03 -5.73 -0.21
CA PRO B 134 -0.70 -6.66 -1.05
C PRO B 134 -1.60 -5.88 -2.01
N ILE B 135 -1.71 -6.34 -3.25
CA ILE B 135 -2.50 -5.69 -4.28
C ILE B 135 -3.16 -6.89 -4.95
N CYS B 136 -4.27 -7.33 -4.39
CA CYS B 136 -5.00 -8.46 -4.82
C CYS B 136 -6.05 -7.85 -5.70
N ILE B 137 -6.11 -8.31 -6.96
CA ILE B 137 -7.06 -7.78 -7.95
C ILE B 137 -7.93 -8.86 -8.56
N ASP B 138 -8.97 -8.39 -9.24
CA ASP B 138 -9.87 -9.23 -10.05
C ASP B 138 -9.35 -9.03 -11.46
N SER B 139 -8.77 -10.06 -12.07
CA SER B 139 -8.36 -10.02 -13.48
C SER B 139 -9.41 -10.55 -14.49
N LYS B 140 -10.64 -10.84 -14.03
CA LYS B 140 -11.67 -11.36 -14.92
C LYS B 140 -12.14 -10.30 -15.94
N ASN B 141 -12.17 -10.67 -17.22
CA ASN B 141 -12.74 -9.82 -18.26
C ASN B 141 -14.26 -9.88 -18.17
N LYS B 142 -14.92 -9.20 -19.10
CA LYS B 142 -16.40 -9.14 -19.16
C LYS B 142 -17.02 -10.49 -19.46
N GLU B 143 -16.28 -11.40 -20.06
CA GLU B 143 -16.79 -12.78 -20.28
C GLU B 143 -16.51 -13.72 -19.08
N GLY B 144 -15.93 -13.18 -17.99
CA GLY B 144 -15.72 -13.95 -16.76
C GLY B 144 -14.45 -14.79 -16.79
N LYS B 145 -13.57 -14.53 -17.74
CA LYS B 145 -12.30 -15.25 -17.80
C LYS B 145 -11.13 -14.38 -17.28
N ASN B 146 -10.25 -15.02 -16.52
CA ASN B 146 -9.08 -14.34 -16.01
C ASN B 146 -8.17 -14.02 -17.20
N ASP B 147 -7.85 -12.75 -17.35
CA ASP B 147 -7.36 -12.29 -18.64
C ASP B 147 -6.02 -11.54 -18.52
N PRO B 148 -4.95 -12.12 -19.12
CA PRO B 148 -3.59 -11.55 -19.00
C PRO B 148 -3.48 -10.07 -19.34
N ASP B 149 -4.30 -9.60 -20.30
CA ASP B 149 -4.30 -8.19 -20.67
C ASP B 149 -4.95 -7.30 -19.57
N ALA B 150 -5.82 -7.88 -18.75
CA ALA B 150 -6.43 -7.14 -17.63
C ALA B 150 -5.32 -6.82 -16.61
N VAL B 151 -4.48 -7.80 -16.32
CA VAL B 151 -3.38 -7.61 -15.36
C VAL B 151 -2.27 -6.73 -15.93
N ILE B 152 -1.96 -6.91 -17.20
CA ILE B 152 -1.01 -6.07 -17.90
C ILE B 152 -1.44 -4.61 -17.90
N GLU B 153 -2.67 -4.34 -18.31
CA GLU B 153 -3.16 -2.97 -18.25
C GLU B 153 -3.04 -2.40 -16.80
N PHE B 154 -3.65 -3.08 -15.84
CA PHE B 154 -3.54 -2.75 -14.41
C PHE B 154 -2.18 -2.31 -13.94
N VAL B 155 -1.17 -3.14 -14.16
CA VAL B 155 0.16 -2.87 -13.62
C VAL B 155 0.77 -1.68 -14.34
N GLN B 156 0.49 -1.57 -15.65
CA GLN B 156 1.01 -0.45 -16.40
C GLN B 156 0.40 0.84 -15.82
N ARG B 157 -0.87 0.80 -15.44
CA ARG B 157 -1.45 1.98 -14.78
C ARG B 157 -0.85 2.30 -13.39
N ILE B 158 -0.48 1.26 -12.61
CA ILE B 158 -0.19 1.43 -11.19
C ILE B 158 1.30 1.53 -11.00
N GLN B 159 2.06 1.29 -12.08
CA GLN B 159 3.52 1.31 -11.98
C GLN B 159 4.11 2.57 -11.33
N HIS B 160 3.38 3.68 -11.46
CA HIS B 160 3.88 4.99 -11.03
C HIS B 160 3.93 5.19 -9.54
N THR B 161 3.32 4.28 -8.81
CA THR B 161 3.31 4.28 -7.38
C THR B 161 4.49 3.56 -6.82
N PHE B 162 5.08 2.64 -7.62
CA PHE B 162 5.97 1.63 -7.05
C PHE B 162 7.41 1.70 -7.51
N GLY B 163 8.27 0.95 -6.82
CA GLY B 163 9.66 0.95 -7.19
C GLY B 163 9.99 -0.33 -7.93
N ALA B 164 9.15 -1.36 -7.71
CA ALA B 164 9.25 -2.72 -8.34
C ALA B 164 7.90 -3.29 -8.24
N ILE B 165 7.58 -4.25 -9.12
CA ILE B 165 6.31 -4.99 -9.02
C ILE B 165 6.65 -6.41 -8.77
N ASN B 166 6.03 -7.03 -7.76
CA ASN B 166 6.32 -8.42 -7.42
C ASN B 166 5.06 -9.29 -7.69
N LEU B 167 5.02 -9.97 -8.84
CA LEU B 167 3.83 -10.70 -9.22
C LEU B 167 3.87 -11.98 -8.42
N GLU B 168 2.71 -12.49 -8.05
CA GLU B 168 2.60 -13.65 -7.16
C GLU B 168 1.38 -14.44 -7.56
N ASP B 169 1.48 -15.76 -7.53
CA ASP B 169 0.28 -16.61 -7.46
C ASP B 169 -0.76 -16.37 -8.58
N ILE B 170 -0.26 -16.42 -9.80
CA ILE B 170 -1.03 -16.16 -10.98
C ILE B 170 -0.86 -17.45 -11.77
N SER B 171 -1.98 -18.04 -12.19
CA SER B 171 -2.01 -19.31 -12.88
C SER B 171 -1.26 -19.24 -14.20
N GLN B 172 -0.69 -20.36 -14.60
CA GLN B 172 -0.07 -20.53 -15.93
C GLN B 172 -1.12 -20.97 -16.98
N PRO B 173 -0.98 -20.51 -18.25
CA PRO B 173 0.12 -19.70 -18.77
C PRO B 173 -0.08 -18.18 -18.77
N ASN B 174 -1.19 -17.69 -18.22
CA ASN B 174 -1.31 -16.24 -18.02
C ASN B 174 0.00 -15.59 -17.47
N CYS B 175 0.59 -16.19 -16.43
CA CYS B 175 1.73 -15.60 -15.72
C CYS B 175 2.94 -15.30 -16.65
N TYR B 176 3.15 -16.16 -17.65
CA TYR B 176 4.19 -15.93 -18.68
C TYR B 176 3.98 -14.70 -19.54
N LYS B 177 2.80 -14.58 -20.14
CA LYS B 177 2.45 -13.38 -20.89
C LYS B 177 2.48 -12.14 -20.00
N ILE B 178 1.77 -12.20 -18.86
CA ILE B 178 1.81 -11.07 -17.91
C ILE B 178 3.26 -10.61 -17.68
N LEU B 179 4.15 -11.51 -17.28
CA LEU B 179 5.52 -11.12 -17.00
C LEU B 179 6.30 -10.72 -18.25
N ASP B 180 6.13 -11.45 -19.35
CA ASP B 180 6.98 -11.26 -20.52
C ASP B 180 6.71 -9.90 -21.10
N VAL B 181 5.45 -9.51 -21.06
CA VAL B 181 5.09 -8.15 -21.48
C VAL B 181 5.50 -7.09 -20.49
N LEU B 182 5.05 -7.21 -19.23
CA LEU B 182 5.27 -6.13 -18.24
C LEU B 182 6.78 -5.75 -18.14
N ARG B 183 7.59 -6.79 -18.20
CA ARG B 183 9.01 -6.66 -17.94
C ARG B 183 9.71 -5.74 -18.92
N GLU B 184 9.08 -5.55 -20.07
CA GLU B 184 9.65 -4.70 -21.12
C GLU B 184 8.83 -3.47 -21.31
N SER B 185 7.61 -3.42 -20.79
CA SER B 185 6.74 -2.26 -21.06
C SER B 185 6.78 -1.26 -19.91
N CYS B 186 7.23 -1.70 -18.74
CA CYS B 186 7.23 -0.80 -17.57
C CYS B 186 8.57 -0.13 -17.36
N ASP B 187 8.51 1.02 -16.71
CA ASP B 187 9.73 1.76 -16.36
C ASP B 187 10.28 1.39 -14.97
N ILE B 188 9.67 0.38 -14.35
CA ILE B 188 10.19 -0.20 -13.12
C ILE B 188 10.33 -1.70 -13.30
N PRO B 189 11.23 -2.34 -12.53
CA PRO B 189 11.35 -3.77 -12.74
C PRO B 189 10.08 -4.50 -12.32
N VAL B 190 9.71 -5.48 -13.14
CA VAL B 190 8.59 -6.41 -12.86
C VAL B 190 9.14 -7.83 -13.01
N TRP B 191 8.77 -8.68 -12.06
CA TRP B 191 9.17 -10.06 -12.08
C TRP B 191 8.07 -10.89 -11.37
N HIS B 192 8.21 -12.21 -11.42
CA HIS B 192 7.23 -13.11 -10.90
C HIS B 192 7.94 -13.99 -9.88
N ASP B 193 7.65 -13.74 -8.60
CA ASP B 193 8.33 -14.50 -7.50
C ASP B 193 8.37 -15.98 -7.80
N ASP B 194 7.20 -16.52 -8.17
CA ASP B 194 7.09 -17.94 -8.46
C ASP B 194 8.00 -18.44 -9.57
N GLN B 195 8.40 -17.52 -10.48
CA GLN B 195 9.39 -17.88 -11.52
C GLN B 195 10.79 -17.76 -11.02
N GLN B 196 11.46 -16.62 -11.21
CA GLN B 196 12.88 -16.57 -10.82
C GLN B 196 13.11 -16.65 -9.31
N GLY B 197 12.12 -16.30 -8.50
CA GLY B 197 12.35 -16.33 -7.01
C GLY B 197 12.41 -17.75 -6.42
N THR B 198 11.44 -18.55 -6.75
CA THR B 198 11.53 -19.99 -6.49
C THR B 198 12.76 -20.61 -7.18
N ALA B 199 12.98 -20.30 -8.45
CA ALA B 199 14.11 -20.89 -9.14
C ALA B 199 15.41 -20.56 -8.42
N SER B 200 15.51 -19.32 -7.92
CA SER B 200 16.75 -18.80 -7.29
C SER B 200 17.13 -19.59 -6.02
N VAL B 201 16.15 -19.81 -5.15
CA VAL B 201 16.33 -20.56 -3.91
C VAL B 201 16.45 -22.06 -4.11
N THR B 202 15.80 -22.57 -5.13
CA THR B 202 15.92 -23.97 -5.48
C THR B 202 17.34 -24.29 -5.94
N LEU B 203 17.90 -23.43 -6.79
CA LEU B 203 19.32 -23.59 -7.23
C LEU B 203 20.30 -23.51 -6.06
N ALA B 204 20.02 -22.57 -5.14
CA ALA B 204 20.91 -22.32 -4.01
C ALA B 204 20.89 -23.58 -3.18
N GLY B 205 19.70 -24.11 -2.92
CA GLY B 205 19.57 -25.39 -2.29
C GLY B 205 20.35 -26.52 -2.98
N LEU B 206 20.19 -26.64 -4.31
CA LEU B 206 20.84 -27.72 -5.05
C LEU B 206 22.36 -27.57 -5.01
N LEU B 207 22.83 -26.32 -5.14
CA LEU B 207 24.24 -26.01 -5.04
C LEU B 207 24.87 -26.60 -3.80
N ASN B 208 24.22 -26.44 -2.67
CA ASN B 208 24.85 -26.91 -1.43
C ASN B 208 24.65 -28.41 -1.24
N ALA B 209 23.48 -28.91 -1.65
CA ALA B 209 23.21 -30.34 -1.60
C ALA B 209 24.26 -31.08 -2.43
N LEU B 210 24.69 -30.50 -3.56
CA LEU B 210 25.68 -31.13 -4.47
C LEU B 210 27.06 -31.14 -3.91
N LYS B 211 27.41 -30.11 -3.14
CA LYS B 211 28.66 -30.09 -2.33
C LYS B 211 28.65 -31.14 -1.23
N LEU B 212 27.49 -31.37 -0.61
CA LEU B 212 27.38 -32.39 0.47
C LEU B 212 27.33 -33.83 -0.05
N VAL B 213 26.93 -34.03 -1.29
CA VAL B 213 26.93 -35.36 -1.88
C VAL B 213 28.14 -35.56 -2.77
N LYS B 214 29.04 -34.58 -2.74
CA LYS B 214 30.21 -34.49 -3.63
C LYS B 214 29.99 -34.92 -5.08
N LYS B 215 28.98 -34.37 -5.75
CA LYS B 215 28.78 -34.61 -7.18
C LYS B 215 28.93 -33.26 -7.89
N ASP B 216 29.33 -33.27 -9.17
CA ASP B 216 29.36 -32.06 -10.01
C ASP B 216 27.98 -31.92 -10.65
N ILE B 217 27.51 -30.68 -10.76
CA ILE B 217 26.21 -30.40 -11.32
C ILE B 217 26.00 -31.00 -12.73
N HIS B 218 27.09 -31.05 -13.52
CA HIS B 218 26.98 -31.51 -14.92
C HIS B 218 26.81 -33.01 -15.11
N GLU B 219 27.19 -33.79 -14.12
CA GLU B 219 27.11 -35.26 -14.17
C GLU B 219 25.80 -35.85 -13.68
N CYS B 220 25.01 -35.02 -12.99
CA CYS B 220 23.81 -35.43 -12.27
C CYS B 220 22.57 -35.61 -13.16
N ARG B 221 21.90 -36.74 -13.02
CA ARG B 221 20.57 -36.93 -13.58
C ARG B 221 19.52 -36.32 -12.64
N MET B 222 18.51 -35.71 -13.23
CA MET B 222 17.59 -34.97 -12.41
C MET B 222 16.22 -35.17 -12.96
N VAL B 223 15.26 -35.42 -12.08
CA VAL B 223 13.86 -35.55 -12.46
C VAL B 223 13.03 -34.40 -11.86
N PHE B 224 12.18 -33.77 -12.69
CA PHE B 224 11.36 -32.65 -12.27
C PHE B 224 9.92 -33.07 -12.43
N ILE B 225 9.19 -33.09 -11.33
CA ILE B 225 7.82 -33.54 -11.35
C ILE B 225 6.93 -32.34 -11.28
N GLY B 226 6.19 -32.08 -12.36
CA GLY B 226 5.30 -30.90 -12.48
C GLY B 226 6.01 -29.91 -13.36
N ALA B 227 5.27 -29.11 -14.12
CA ALA B 227 5.87 -28.33 -15.16
C ALA B 227 5.21 -26.96 -15.23
N GLY B 228 4.70 -26.51 -14.08
CA GLY B 228 4.25 -25.11 -13.89
C GLY B 228 5.39 -24.09 -13.91
N SER B 229 5.09 -22.85 -13.56
CA SER B 229 6.02 -21.75 -13.73
C SER B 229 7.23 -21.83 -12.84
N SER B 230 7.04 -22.35 -11.65
CA SER B 230 8.17 -22.53 -10.75
C SER B 230 9.12 -23.54 -11.31
N ASN B 231 8.62 -24.75 -11.55
CA ASN B 231 9.51 -25.83 -11.98
C ASN B 231 10.24 -25.56 -13.31
N THR B 232 9.55 -24.98 -14.29
CA THR B 232 10.19 -24.71 -15.58
C THR B 232 11.28 -23.70 -15.39
N THR B 233 11.04 -22.70 -14.51
CA THR B 233 12.07 -21.69 -14.25
C THR B 233 13.22 -22.29 -13.48
N CYS B 234 12.93 -23.20 -12.56
CA CYS B 234 14.04 -23.89 -11.85
C CYS B 234 14.96 -24.65 -12.81
N LEU B 235 14.38 -25.45 -13.72
CA LEU B 235 15.17 -26.22 -14.63
C LEU B 235 16.08 -25.25 -15.41
N ARG B 236 15.49 -24.14 -15.88
CA ARG B 236 16.22 -23.16 -16.72
C ARG B 236 17.43 -22.64 -15.99
N LEU B 237 17.26 -22.23 -14.73
CA LEU B 237 18.45 -21.71 -14.02
C LEU B 237 19.41 -22.82 -13.76
N ILE B 238 18.91 -23.98 -13.40
CA ILE B 238 19.80 -25.11 -13.10
C ILE B 238 20.71 -25.48 -14.33
N VAL B 239 20.12 -25.55 -15.52
CA VAL B 239 20.88 -25.71 -16.77
C VAL B 239 21.87 -24.52 -16.96
N THR B 240 21.39 -23.28 -16.90
CA THR B 240 22.34 -22.14 -17.04
C THR B 240 23.53 -22.25 -16.05
N ALA B 241 23.25 -22.85 -14.88
CA ALA B 241 24.24 -22.97 -13.84
C ALA B 241 25.18 -24.17 -14.07
N GLY B 242 24.92 -25.01 -15.07
CA GLY B 242 25.91 -26.03 -15.46
C GLY B 242 25.41 -27.47 -15.54
N ALA B 243 24.10 -27.66 -15.31
CA ALA B 243 23.47 -28.97 -15.49
C ALA B 243 23.38 -29.33 -16.97
N ASP B 244 23.53 -30.61 -17.25
CA ASP B 244 23.47 -31.13 -18.60
C ASP B 244 21.99 -31.37 -18.96
N PRO B 245 21.42 -30.58 -19.90
CA PRO B 245 20.00 -30.83 -20.16
C PRO B 245 19.68 -32.24 -20.63
N LYS B 246 20.66 -32.92 -21.23
CA LYS B 246 20.46 -34.32 -21.70
C LYS B 246 20.22 -35.31 -20.57
N LYS B 247 20.76 -35.00 -19.38
CA LYS B 247 20.56 -35.84 -18.18
C LYS B 247 19.31 -35.44 -17.40
N ILE B 248 18.43 -34.64 -18.01
CA ILE B 248 17.25 -34.11 -17.34
C ILE B 248 15.93 -34.55 -17.96
N VAL B 249 14.97 -34.83 -17.09
CA VAL B 249 13.61 -35.16 -17.48
C VAL B 249 12.60 -34.36 -16.65
N MET B 250 11.69 -33.69 -17.32
CA MET B 250 10.54 -33.11 -16.69
C MET B 250 9.21 -33.82 -17.05
N PHE B 251 8.25 -33.81 -16.12
CA PHE B 251 6.92 -34.34 -16.33
C PHE B 251 5.79 -33.33 -16.08
N ASP B 252 4.87 -33.21 -17.03
CA ASP B 252 3.57 -32.58 -16.76
C ASP B 252 2.48 -33.64 -16.49
N SER B 253 1.22 -33.24 -16.48
CA SER B 253 0.16 -34.20 -16.20
C SER B 253 -0.06 -35.23 -17.29
N LYS B 254 0.45 -34.99 -18.49
CA LYS B 254 0.17 -35.90 -19.64
C LYS B 254 1.29 -36.93 -19.91
N GLY B 255 2.44 -36.71 -19.29
CA GLY B 255 3.61 -37.54 -19.49
C GLY B 255 4.88 -36.72 -19.48
N SER B 256 5.96 -37.33 -19.96
CA SER B 256 7.24 -36.69 -19.94
C SER B 256 7.31 -35.61 -21.03
N LEU B 257 8.27 -34.69 -20.87
CA LEU B 257 8.47 -33.63 -21.83
C LEU B 257 9.60 -34.08 -22.76
N HIS B 258 9.43 -33.90 -24.09
CA HIS B 258 10.35 -34.41 -25.14
C HIS B 258 9.92 -33.93 -26.55
N ASN B 259 10.79 -34.19 -27.56
CA ASN B 259 10.63 -33.87 -29.01
C ASN B 259 9.25 -34.05 -29.60
N GLY B 260 8.69 -35.23 -29.27
CA GLY B 260 7.40 -35.67 -29.83
C GLY B 260 6.15 -35.03 -29.25
N ARG B 261 6.31 -34.13 -28.27
CA ARG B 261 5.16 -33.53 -27.58
C ARG B 261 4.54 -32.44 -28.45
N GLU B 262 3.72 -32.85 -29.41
CA GLU B 262 3.09 -31.95 -30.34
C GLU B 262 2.05 -31.10 -29.63
N ASP B 263 1.37 -31.69 -28.63
CA ASP B 263 0.39 -30.90 -27.86
C ASP B 263 1.01 -29.60 -27.28
N ILE B 264 2.27 -29.68 -26.88
CA ILE B 264 3.01 -28.58 -26.27
C ILE B 264 3.58 -27.65 -27.35
N LYS B 265 4.14 -28.21 -28.43
CA LYS B 265 4.72 -27.38 -29.50
C LYS B 265 3.70 -26.44 -30.14
N LYS B 266 2.46 -26.89 -30.30
CA LYS B 266 1.42 -26.13 -31.03
C LYS B 266 0.78 -24.99 -30.23
N ASP B 267 0.98 -24.97 -28.93
CA ASP B 267 0.42 -23.87 -28.11
C ASP B 267 1.58 -23.02 -27.59
N THR B 268 1.80 -21.87 -28.24
CA THR B 268 3.03 -21.10 -28.02
C THR B 268 3.05 -20.38 -26.65
N ARG B 269 1.89 -20.31 -26.00
CA ARG B 269 1.81 -19.80 -24.62
C ARG B 269 2.71 -20.65 -23.76
N PHE B 270 2.89 -21.93 -24.13
CA PHE B 270 3.79 -22.85 -23.39
C PHE B 270 5.20 -22.99 -23.96
N TYR B 271 5.68 -21.90 -24.55
CA TYR B 271 7.02 -21.90 -25.12
C TYR B 271 8.10 -22.31 -24.09
N ARG B 272 7.91 -22.02 -22.81
CA ARG B 272 8.95 -22.41 -21.83
C ARG B 272 9.06 -23.95 -21.73
N LYS B 273 7.92 -24.60 -21.71
CA LYS B 273 7.83 -26.06 -21.78
C LYS B 273 8.35 -26.60 -23.11
N TRP B 274 8.04 -25.89 -24.20
CA TRP B 274 8.43 -26.40 -25.48
C TRP B 274 9.95 -26.37 -25.63
N GLU B 275 10.62 -25.34 -25.13
CA GLU B 275 12.09 -25.33 -25.07
C GLU B 275 12.69 -26.50 -24.24
N ILE B 276 11.99 -26.86 -23.19
CA ILE B 276 12.47 -27.97 -22.37
C ILE B 276 12.32 -29.28 -23.17
N CYS B 277 11.21 -29.35 -23.88
CA CYS B 277 10.86 -30.43 -24.79
C CYS B 277 11.92 -30.65 -25.88
N GLU B 278 12.49 -29.57 -26.38
CA GLU B 278 13.50 -29.66 -27.45
C GLU B 278 14.86 -30.06 -26.91
N THR B 279 15.10 -29.84 -25.61
CA THR B 279 16.49 -29.88 -25.14
C THR B 279 16.79 -30.97 -24.10
N THR B 280 15.76 -31.63 -23.57
CA THR B 280 15.99 -32.56 -22.46
C THR B 280 15.38 -33.89 -22.76
N ASN B 281 15.53 -34.83 -21.84
CA ASN B 281 14.89 -36.13 -22.00
C ASN B 281 15.09 -36.74 -23.45
N PRO B 282 16.38 -36.97 -23.88
CA PRO B 282 16.60 -37.49 -25.24
C PRO B 282 16.01 -38.90 -25.36
N SER B 283 15.93 -39.59 -24.22
CA SER B 283 15.39 -40.96 -24.13
C SER B 283 13.90 -41.11 -24.08
N LYS B 284 13.19 -39.99 -24.02
CA LYS B 284 11.72 -39.95 -24.00
C LYS B 284 11.03 -40.85 -22.96
N PHE B 285 11.58 -40.89 -21.74
CA PHE B 285 11.03 -41.67 -20.61
C PHE B 285 9.53 -41.66 -20.55
N GLY B 286 8.94 -42.82 -20.35
CA GLY B 286 7.49 -42.88 -20.30
C GLY B 286 6.95 -42.73 -18.90
N SER B 287 7.78 -42.96 -17.91
CA SER B 287 7.28 -42.90 -16.53
C SER B 287 8.28 -42.35 -15.55
N ILE B 288 7.72 -41.69 -14.53
CA ILE B 288 8.45 -41.13 -13.44
C ILE B 288 9.30 -42.23 -12.80
N ALA B 289 8.65 -43.35 -12.52
CA ALA B 289 9.32 -44.48 -11.88
C ALA B 289 10.59 -44.90 -12.66
N GLU B 290 10.50 -45.01 -13.98
CA GLU B 290 11.69 -45.35 -14.79
C GLU B 290 12.69 -44.22 -14.72
N ALA B 291 12.19 -43.00 -14.80
CA ALA B 291 13.10 -41.86 -14.80
C ALA B 291 13.92 -41.78 -13.53
N CYS B 292 13.34 -42.16 -12.38
CA CYS B 292 14.04 -42.06 -11.07
C CYS B 292 15.09 -43.09 -10.78
N VAL B 293 15.04 -44.26 -11.45
CA VAL B 293 16.02 -45.31 -11.17
C VAL B 293 17.37 -44.68 -11.50
N GLY B 294 18.27 -44.66 -10.54
CA GLY B 294 19.58 -44.09 -10.73
C GLY B 294 19.63 -42.55 -10.64
N ALA B 295 18.47 -41.89 -10.61
CA ALA B 295 18.51 -40.42 -10.65
C ALA B 295 19.25 -39.90 -9.41
N ASP B 296 19.84 -38.70 -9.53
CA ASP B 296 20.59 -38.12 -8.44
C ASP B 296 19.71 -37.11 -7.70
N VAL B 297 18.81 -36.47 -8.43
CA VAL B 297 18.09 -35.35 -7.91
C VAL B 297 16.63 -35.48 -8.32
N LEU B 298 15.73 -35.21 -7.40
CA LEU B 298 14.32 -35.18 -7.70
C LEU B 298 13.79 -33.87 -7.13
N ILE B 299 13.23 -33.06 -8.01
CA ILE B 299 12.71 -31.79 -7.67
C ILE B 299 11.25 -31.73 -8.08
N SER B 300 10.39 -31.52 -7.08
CA SER B 300 9.00 -31.64 -7.28
C SER B 300 8.31 -30.36 -6.78
N LEU B 301 7.42 -29.85 -7.64
CA LEU B 301 6.52 -28.76 -7.35
C LEU B 301 5.21 -29.00 -8.10
N SER B 302 4.45 -29.94 -7.57
CA SER B 302 3.32 -30.55 -8.24
C SER B 302 2.06 -30.29 -7.37
N THR B 303 1.22 -31.32 -7.20
CA THR B 303 0.00 -31.26 -6.37
C THR B 303 0.38 -31.41 -4.93
N PRO B 304 -0.31 -30.67 -4.03
CA PRO B 304 -0.04 -30.89 -2.61
C PRO B 304 -0.27 -32.39 -2.23
N GLY B 305 0.61 -32.93 -1.38
CA GLY B 305 0.47 -34.29 -0.86
C GLY B 305 -0.76 -34.46 0.06
N PRO B 306 -0.80 -35.54 0.87
CA PRO B 306 0.16 -36.68 0.92
C PRO B 306 0.25 -37.54 -0.36
N GLY B 307 1.31 -38.33 -0.47
CA GLY B 307 1.38 -39.42 -1.45
C GLY B 307 1.39 -39.10 -2.95
N VAL B 308 1.89 -37.93 -3.33
CA VAL B 308 2.01 -37.58 -4.76
C VAL B 308 3.39 -38.00 -5.33
N VAL B 309 4.44 -37.87 -4.53
CA VAL B 309 5.75 -38.43 -4.86
C VAL B 309 5.83 -39.74 -4.11
N LYS B 310 6.23 -40.81 -4.78
CA LYS B 310 6.07 -42.14 -4.22
C LYS B 310 7.38 -42.59 -3.64
N ALA B 311 7.31 -43.27 -2.49
CA ALA B 311 8.52 -43.79 -1.78
C ALA B 311 9.38 -44.71 -2.65
N GLU B 312 8.73 -45.51 -3.48
CA GLU B 312 9.42 -46.40 -4.41
C GLU B 312 10.40 -45.62 -5.31
N TRP B 313 9.91 -44.49 -5.86
CA TRP B 313 10.72 -43.61 -6.72
C TRP B 313 12.04 -43.27 -6.07
N ILE B 314 11.98 -42.84 -4.80
CA ILE B 314 13.16 -42.40 -4.07
C ILE B 314 14.09 -43.57 -3.77
N LYS B 315 13.48 -44.71 -3.48
CA LYS B 315 14.20 -45.92 -3.13
C LYS B 315 15.10 -46.34 -4.29
N SER B 316 14.64 -46.08 -5.51
CA SER B 316 15.35 -46.48 -6.74
C SER B 316 16.44 -45.48 -7.20
N MET B 317 16.56 -44.33 -6.52
CA MET B 317 17.56 -43.31 -6.91
C MET B 317 19.02 -43.74 -6.61
N GLY B 318 20.01 -43.03 -7.18
CA GLY B 318 21.41 -43.34 -6.95
C GLY B 318 21.91 -43.05 -5.54
N GLU B 319 23.23 -42.90 -5.46
CA GLU B 319 23.89 -42.61 -4.22
C GLU B 319 23.36 -41.26 -3.59
N LYS B 320 23.10 -41.26 -2.29
CA LYS B 320 22.72 -40.05 -1.53
C LYS B 320 21.74 -39.14 -2.29
N PRO B 321 20.51 -39.65 -2.51
CA PRO B 321 19.52 -38.95 -3.29
C PRO B 321 19.19 -37.55 -2.70
N ILE B 322 19.00 -36.54 -3.57
CA ILE B 322 18.53 -35.18 -3.19
C ILE B 322 17.09 -35.03 -3.66
N VAL B 323 16.21 -34.82 -2.71
CA VAL B 323 14.79 -34.79 -2.94
C VAL B 323 14.21 -33.48 -2.38
N PHE B 324 13.65 -32.65 -3.25
CA PHE B 324 13.01 -31.41 -2.87
C PHE B 324 11.55 -31.59 -3.28
N CYS B 325 10.66 -31.50 -2.30
CA CYS B 325 9.23 -31.57 -2.55
C CYS B 325 8.63 -30.35 -1.90
N CYS B 326 8.26 -29.38 -2.74
CA CYS B 326 7.95 -28.05 -2.31
C CYS B 326 6.51 -27.59 -2.59
N ALA B 327 5.59 -28.51 -2.89
CA ALA B 327 4.19 -28.12 -2.90
C ALA B 327 3.69 -27.63 -1.51
N ASN B 328 2.75 -26.69 -1.54
CA ASN B 328 2.23 -26.00 -0.35
C ASN B 328 0.73 -26.03 -0.39
N PRO B 329 0.07 -26.20 0.77
CA PRO B 329 0.63 -26.25 2.13
C PRO B 329 1.20 -27.61 2.57
N VAL B 330 0.90 -28.66 1.80
CA VAL B 330 1.34 -30.01 2.13
C VAL B 330 2.29 -30.55 1.04
N PRO B 331 3.52 -30.93 1.43
CA PRO B 331 4.46 -31.39 0.39
C PRO B 331 4.04 -32.73 -0.22
N GLU B 332 4.56 -33.04 -1.42
CA GLU B 332 4.21 -34.27 -2.16
C GLU B 332 4.49 -35.56 -1.35
N ILE B 333 5.40 -35.46 -0.42
CA ILE B 333 5.69 -36.51 0.52
C ILE B 333 6.21 -35.82 1.78
N TYR B 334 5.97 -36.39 2.95
CA TYR B 334 6.55 -35.83 4.19
C TYR B 334 8.01 -36.26 4.33
N PRO B 335 8.87 -35.42 4.94
CA PRO B 335 10.27 -35.80 5.04
C PRO B 335 10.58 -37.12 5.72
N TYR B 336 9.77 -37.55 6.69
CA TYR B 336 10.05 -38.81 7.37
C TYR B 336 9.89 -39.97 6.36
N GLU B 337 8.94 -39.90 5.44
CA GLU B 337 8.78 -41.00 4.50
C GLU B 337 9.95 -41.04 3.49
N ALA B 338 10.29 -39.89 2.91
CA ALA B 338 11.42 -39.81 1.98
C ALA B 338 12.75 -40.26 2.57
N LYS B 339 12.96 -40.01 3.86
CA LYS B 339 14.18 -40.48 4.49
C LYS B 339 14.13 -41.98 4.69
N GLU B 340 12.94 -42.48 5.09
CA GLU B 340 12.69 -43.92 5.19
C GLU B 340 13.02 -44.59 3.84
N ALA B 341 12.48 -44.04 2.75
CA ALA B 341 12.87 -44.49 1.38
C ALA B 341 14.40 -44.37 0.99
N GLY B 342 15.21 -43.69 1.82
CA GLY B 342 16.66 -43.60 1.54
C GLY B 342 17.19 -42.24 1.12
N ALA B 343 16.38 -41.21 1.18
CA ALA B 343 16.87 -39.91 0.75
C ALA B 343 17.97 -39.47 1.71
N TYR B 344 18.99 -38.79 1.17
CA TYR B 344 20.04 -38.24 2.00
C TYR B 344 19.76 -36.79 2.40
N ILE B 345 19.10 -36.07 1.50
CA ILE B 345 18.78 -34.67 1.72
C ILE B 345 17.40 -34.46 1.24
N VAL B 346 16.57 -33.84 2.09
CA VAL B 346 15.15 -33.62 1.79
C VAL B 346 14.85 -32.21 2.19
N ALA B 347 14.12 -31.52 1.31
CA ALA B 347 13.78 -30.12 1.46
C ALA B 347 12.30 -30.09 1.19
N THR B 348 11.58 -29.12 1.78
CA THR B 348 10.19 -28.83 1.41
C THR B 348 10.07 -27.31 1.32
N GLY B 349 8.86 -26.80 1.16
CA GLY B 349 8.76 -25.35 1.09
C GLY B 349 8.34 -24.70 2.43
N ARG B 350 8.07 -25.52 3.46
CA ARG B 350 7.58 -25.03 4.74
C ARG B 350 8.64 -24.86 5.80
N GLY B 351 8.37 -23.98 6.79
CA GLY B 351 9.34 -23.68 7.86
C GLY B 351 9.32 -24.63 9.03
N ASP B 352 8.40 -25.58 9.04
CA ASP B 352 8.37 -26.59 10.14
C ASP B 352 9.08 -27.94 9.85
N PHE B 353 9.81 -28.02 8.75
CA PHE B 353 10.71 -29.15 8.53
C PHE B 353 12.08 -28.54 8.21
N PRO B 354 13.15 -29.34 8.29
CA PRO B 354 14.47 -28.85 7.93
C PRO B 354 14.52 -28.42 6.44
N ASN B 355 15.51 -27.60 6.08
CA ASN B 355 15.76 -27.27 4.68
C ASN B 355 14.56 -26.64 3.96
N GLN B 356 14.19 -25.46 4.42
CA GLN B 356 13.08 -24.80 3.80
C GLN B 356 13.57 -24.07 2.52
N VAL B 357 13.28 -24.71 1.39
CA VAL B 357 13.55 -24.19 0.06
C VAL B 357 12.27 -23.51 -0.40
N ASN B 358 12.25 -22.20 -0.18
CA ASN B 358 11.09 -21.33 -0.38
C ASN B 358 11.66 -19.96 -0.76
N ASN B 359 11.02 -19.26 -1.70
CA ASN B 359 11.52 -17.99 -2.21
C ASN B 359 11.65 -16.91 -1.14
N SER B 360 11.06 -17.14 0.05
CA SER B 360 11.19 -16.18 1.14
C SER B 360 12.64 -15.94 1.53
N VAL B 361 13.56 -16.84 1.17
CA VAL B 361 14.96 -16.57 1.48
C VAL B 361 15.68 -16.05 0.23
N GLY B 362 14.91 -15.76 -0.83
CA GLY B 362 15.45 -15.14 -2.05
C GLY B 362 14.89 -13.77 -2.41
N PHE B 363 13.56 -13.61 -2.37
CA PHE B 363 12.99 -12.35 -2.84
C PHE B 363 13.47 -11.15 -2.04
N PRO B 364 13.69 -11.34 -0.72
CA PRO B 364 13.94 -10.09 -0.07
C PRO B 364 15.27 -9.53 -0.56
N GLY B 365 16.27 -10.38 -0.81
CA GLY B 365 17.58 -9.90 -1.22
C GLY B 365 17.54 -9.50 -2.70
N ILE B 366 16.74 -10.19 -3.51
CA ILE B 366 16.73 -9.92 -4.96
C ILE B 366 16.10 -8.55 -5.19
N LEU B 367 14.88 -8.36 -4.63
CA LEU B 367 14.20 -7.07 -4.59
C LEU B 367 15.03 -5.92 -4.02
N LYS B 368 15.65 -6.11 -2.86
CA LYS B 368 16.35 -4.98 -2.24
C LYS B 368 17.54 -4.52 -3.13
N GLY B 369 18.23 -5.48 -3.73
CA GLY B 369 19.33 -5.21 -4.63
C GLY B 369 18.86 -4.39 -5.85
N ALA B 370 17.72 -4.79 -6.40
CA ALA B 370 17.23 -4.22 -7.61
C ALA B 370 16.72 -2.82 -7.35
N LEU B 371 16.05 -2.65 -6.21
CA LEU B 371 15.62 -1.33 -5.78
C LEU B 371 16.81 -0.37 -5.65
N ILE B 372 17.87 -0.79 -4.98
CA ILE B 372 18.96 0.13 -4.64
C ILE B 372 19.69 0.63 -5.91
N VAL B 373 19.91 -0.22 -6.92
CA VAL B 373 20.65 0.30 -8.09
C VAL B 373 19.65 0.55 -9.25
N ARG B 374 18.37 0.56 -8.92
CA ARG B 374 17.36 0.82 -9.89
C ARG B 374 17.49 -0.06 -11.16
N ALA B 375 17.55 -1.38 -10.95
CA ALA B 375 17.67 -2.24 -12.09
C ALA B 375 16.39 -2.18 -12.92
N ARG B 376 16.53 -2.20 -14.23
CA ARG B 376 15.37 -2.09 -15.13
C ARG B 376 14.51 -3.32 -15.07
N LYS B 377 15.12 -4.46 -14.74
CA LYS B 377 14.39 -5.74 -14.80
C LYS B 377 15.12 -6.74 -13.95
N ILE B 378 14.51 -7.88 -13.65
CA ILE B 378 15.24 -8.97 -13.02
C ILE B 378 15.72 -10.03 -14.05
N THR B 379 17.02 -10.08 -14.24
CA THR B 379 17.60 -11.01 -15.20
C THR B 379 17.80 -12.37 -14.53
N ASP B 380 17.91 -13.38 -15.36
CA ASP B 380 18.27 -14.69 -14.87
C ASP B 380 19.60 -14.66 -14.10
N ASN B 381 20.59 -13.91 -14.61
CA ASN B 381 21.92 -13.83 -13.95
C ASN B 381 21.82 -13.21 -12.54
N MET B 382 20.96 -12.20 -12.40
CA MET B 382 20.64 -11.64 -11.10
C MET B 382 20.07 -12.72 -10.13
N ALA B 383 19.01 -13.40 -10.54
CA ALA B 383 18.48 -14.54 -9.84
C ALA B 383 19.56 -15.54 -9.42
N ILE B 384 20.47 -15.86 -10.37
CA ILE B 384 21.61 -16.78 -10.12
C ILE B 384 22.67 -16.22 -9.16
N ALA B 385 22.95 -14.93 -9.30
CA ALA B 385 23.79 -14.23 -8.37
C ALA B 385 23.19 -14.34 -6.93
N ALA B 386 21.87 -14.29 -6.79
CA ALA B 386 21.29 -14.49 -5.47
C ALA B 386 21.35 -15.97 -5.01
N SER B 387 21.28 -16.92 -5.94
CA SER B 387 21.37 -18.35 -5.61
C SER B 387 22.69 -18.55 -4.99
N ARG B 388 23.71 -17.93 -5.60
CA ARG B 388 25.07 -18.08 -5.14
C ARG B 388 25.34 -17.46 -3.78
N ALA B 389 24.87 -16.22 -3.59
CA ALA B 389 25.02 -15.52 -2.32
C ALA B 389 24.39 -16.39 -1.20
N LEU B 390 23.15 -16.84 -1.40
CA LEU B 390 22.43 -17.66 -0.38
C LEU B 390 23.17 -18.95 -0.10
N ALA B 391 23.61 -19.64 -1.16
CA ALA B 391 24.29 -20.90 -0.94
C ALA B 391 25.63 -20.71 -0.20
N GLU B 392 26.36 -19.68 -0.59
CA GLU B 392 27.61 -19.32 0.05
C GLU B 392 27.44 -18.83 1.49
N PHE B 393 26.46 -17.96 1.73
CA PHE B 393 26.12 -17.59 3.11
C PHE B 393 25.98 -18.86 3.98
N ALA B 394 25.12 -19.80 3.56
CA ALA B 394 24.86 -20.98 4.40
C ALA B 394 26.11 -21.83 4.59
N GLU B 395 26.83 -22.11 3.49
CA GLU B 395 28.10 -22.86 3.55
C GLU B 395 29.07 -22.26 4.53
N LYS B 396 29.26 -20.95 4.46
CA LYS B 396 30.24 -20.28 5.29
C LYS B 396 29.88 -20.27 6.80
N ARG B 397 28.62 -20.55 7.17
CA ARG B 397 28.34 -20.74 8.62
C ARG B 397 28.17 -22.19 9.02
N GLY B 398 28.33 -23.12 8.06
CA GLY B 398 28.16 -24.54 8.31
C GLY B 398 26.88 -25.10 7.70
N ILE B 399 27.06 -26.14 6.88
CA ILE B 399 25.95 -26.84 6.28
C ILE B 399 26.11 -28.31 6.54
N ASN B 400 24.98 -29.03 6.48
CA ASN B 400 25.00 -30.47 6.62
C ASN B 400 23.70 -30.98 6.04
N PRO B 401 23.53 -32.30 6.04
CA PRO B 401 22.28 -32.79 5.39
C PRO B 401 20.94 -32.21 5.89
N ASP B 402 20.89 -31.82 7.17
CA ASP B 402 19.66 -31.19 7.71
C ASP B 402 19.66 -29.64 7.80
N ASN B 403 20.67 -29.02 7.21
CA ASN B 403 20.71 -27.60 7.06
C ASN B 403 21.55 -27.27 5.84
N ILE B 404 20.89 -27.15 4.68
CA ILE B 404 21.60 -26.91 3.43
C ILE B 404 21.49 -25.45 2.94
N ILE B 405 20.58 -24.69 3.54
CA ILE B 405 20.19 -23.36 2.99
C ILE B 405 20.00 -22.32 4.12
N GLY B 406 20.30 -21.05 3.83
CA GLY B 406 20.02 -19.96 4.77
C GLY B 406 18.54 -19.98 5.10
N THR B 407 18.22 -19.66 6.35
CA THR B 407 16.85 -19.63 6.81
C THR B 407 16.31 -18.21 7.06
N MET B 408 14.98 -18.05 7.19
CA MET B 408 14.38 -16.75 7.49
C MET B 408 14.88 -16.11 8.80
N ASP B 409 15.55 -16.91 9.62
CA ASP B 409 16.07 -16.50 10.92
C ASP B 409 17.47 -15.96 10.81
N GLU B 410 17.99 -15.87 9.59
CA GLU B 410 19.31 -15.27 9.41
C GLU B 410 19.31 -13.99 8.51
N PRO B 411 19.02 -12.77 9.08
CA PRO B 411 18.96 -11.51 8.35
C PRO B 411 20.20 -11.17 7.52
N GLY B 412 21.35 -11.71 7.89
CA GLY B 412 22.64 -11.43 7.22
C GLY B 412 22.66 -11.89 5.76
N ILE B 413 21.72 -12.78 5.41
CA ILE B 413 21.62 -13.38 4.06
C ILE B 413 21.33 -12.27 3.08
N PHE B 414 20.45 -11.36 3.48
CA PHE B 414 19.83 -10.40 2.63
C PHE B 414 20.64 -9.24 2.14
N PRO B 415 21.49 -8.63 2.99
CA PRO B 415 22.39 -7.64 2.39
C PRO B 415 23.44 -8.29 1.49
N LYS B 416 23.85 -9.54 1.79
CA LYS B 416 24.77 -10.27 0.91
C LYS B 416 24.14 -10.49 -0.48
N GLU B 417 22.90 -10.95 -0.48
CA GLU B 417 22.10 -11.14 -1.72
C GLU B 417 21.95 -9.83 -2.47
N ALA B 418 21.59 -8.75 -1.73
CA ALA B 418 21.35 -7.48 -2.34
C ALA B 418 22.61 -6.93 -2.99
N ALA B 419 23.74 -7.04 -2.33
CA ALA B 419 24.92 -6.49 -2.93
C ALA B 419 25.36 -7.30 -4.16
N ASP B 420 25.37 -8.63 -4.07
CA ASP B 420 25.64 -9.47 -5.25
C ASP B 420 24.65 -9.25 -6.41
N VAL B 421 23.35 -9.13 -6.08
CA VAL B 421 22.36 -8.93 -7.10
C VAL B 421 22.63 -7.58 -7.77
N ALA B 422 22.95 -6.58 -6.95
CA ALA B 422 23.21 -5.22 -7.46
C ALA B 422 24.41 -5.18 -8.43
N MET B 423 25.49 -5.83 -8.07
CA MET B 423 26.71 -5.87 -8.90
C MET B 423 26.44 -6.68 -10.19
N GLN B 424 25.71 -7.77 -10.08
CA GLN B 424 25.34 -8.50 -11.28
C GLN B 424 24.49 -7.61 -12.23
N ALA B 425 23.58 -6.82 -11.64
CA ALA B 425 22.75 -5.94 -12.44
C ALA B 425 23.57 -4.87 -13.16
N ILE B 426 24.56 -4.29 -12.45
CA ILE B 426 25.47 -3.38 -13.12
C ILE B 426 26.17 -4.16 -14.24
N LYS B 427 26.71 -5.33 -13.95
CA LYS B 427 27.35 -6.15 -14.99
C LYS B 427 26.48 -6.49 -16.23
N ASP B 428 25.21 -6.86 -16.01
CA ASP B 428 24.25 -7.20 -17.08
C ASP B 428 23.81 -5.97 -17.87
N GLY B 429 24.21 -4.79 -17.40
CA GLY B 429 23.91 -3.52 -18.07
C GLY B 429 22.52 -3.00 -17.79
N VAL B 430 21.84 -3.56 -16.79
CA VAL B 430 20.44 -3.13 -16.52
C VAL B 430 20.23 -2.16 -15.31
N ALA B 431 21.30 -1.89 -14.55
CA ALA B 431 21.21 -1.00 -13.43
C ALA B 431 21.14 0.44 -13.92
N ARG B 432 20.26 1.30 -13.34
CA ARG B 432 20.40 2.75 -13.63
C ARG B 432 21.34 3.48 -12.68
N VAL B 433 21.57 2.95 -11.48
CA VAL B 433 22.59 3.51 -10.57
C VAL B 433 23.84 2.65 -10.72
N THR B 434 24.97 3.27 -11.07
CA THR B 434 26.16 2.50 -11.33
C THR B 434 27.25 3.02 -10.44
N ASP B 435 26.98 4.09 -9.72
CA ASP B 435 27.99 4.72 -8.86
C ASP B 435 28.19 4.08 -7.46
N LEU B 436 27.59 2.90 -7.21
CA LEU B 436 27.68 2.28 -5.85
C LEU B 436 28.46 0.99 -5.85
N THR B 437 29.31 0.83 -4.86
CA THR B 437 30.11 -0.37 -4.76
C THR B 437 29.29 -1.46 -4.12
N TRP B 438 29.85 -2.68 -4.20
CA TRP B 438 29.38 -3.81 -3.46
C TRP B 438 29.18 -3.42 -2.00
N GLN B 439 30.19 -2.81 -1.41
CA GLN B 439 30.11 -2.48 0.01
C GLN B 439 29.00 -1.47 0.33
N GLN B 440 28.96 -0.38 -0.44
CA GLN B 440 27.89 0.62 -0.31
C GLN B 440 26.49 0.02 -0.40
N VAL B 441 26.22 -0.87 -1.35
CA VAL B 441 24.90 -1.58 -1.40
C VAL B 441 24.66 -2.43 -0.15
N TYR B 442 25.62 -3.30 0.15
CA TYR B 442 25.57 -4.09 1.39
C TYR B 442 25.15 -3.20 2.57
N ASP B 443 25.82 -2.07 2.74
CA ASP B 443 25.61 -1.16 3.89
C ASP B 443 24.21 -0.56 3.93
N ILE B 444 23.75 -0.07 2.77
CA ILE B 444 22.38 0.36 2.60
C ILE B 444 21.44 -0.77 2.96
N ALA B 445 21.63 -1.96 2.37
CA ALA B 445 20.67 -3.03 2.68
C ALA B 445 20.73 -3.41 4.15
N GLU B 446 21.94 -3.52 4.69
CA GLU B 446 22.08 -3.87 6.10
C GLU B 446 21.32 -2.93 7.04
N HIS B 447 21.48 -1.61 6.85
CA HIS B 447 20.88 -0.54 7.69
C HIS B 447 19.36 -0.56 7.69
N ASP B 448 18.79 -0.68 6.51
CA ASP B 448 17.35 -0.69 6.33
C ASP B 448 16.78 -1.92 7.01
N ILE B 449 17.48 -3.04 6.89
CA ILE B 449 17.05 -4.29 7.51
C ILE B 449 17.12 -4.19 9.08
N LYS B 450 18.26 -3.77 9.60
CA LYS B 450 18.40 -3.57 11.04
C LYS B 450 17.38 -2.58 11.57
N GLU B 451 17.20 -1.46 10.85
CA GLU B 451 16.24 -0.47 11.25
C GLU B 451 14.85 -1.06 11.25
N ALA B 452 14.56 -1.88 10.23
CA ALA B 452 13.19 -2.46 10.20
C ALA B 452 12.99 -3.41 11.39
N ARG B 453 14.00 -4.23 11.66
CA ARG B 453 13.85 -5.27 12.69
C ARG B 453 13.85 -4.64 14.10
N GLU B 454 14.59 -3.56 14.29
CA GLU B 454 14.64 -2.95 15.62
C GLU B 454 13.34 -2.18 15.94
N SER B 455 12.77 -1.49 14.94
CA SER B 455 11.49 -0.82 15.08
C SER B 455 10.40 -1.77 15.45
N ALA B 456 10.32 -2.86 14.71
CA ALA B 456 9.25 -3.81 14.99
C ALA B 456 9.33 -4.53 16.40
N GLN B 457 10.57 -4.76 16.83
CA GLN B 457 10.88 -5.33 18.15
C GLN B 457 10.50 -4.36 19.25
N LEU B 458 10.86 -3.07 19.06
CA LEU B 458 10.51 -2.01 19.96
C LEU B 458 9.01 -1.94 20.17
N LEU B 459 8.25 -2.05 19.07
CA LEU B 459 6.80 -2.02 19.11
C LEU B 459 6.24 -3.28 19.82
N GLN B 460 6.97 -4.40 19.72
CA GLN B 460 6.58 -5.55 20.52
C GLN B 460 6.92 -5.40 22.01
N ASP B 461 8.15 -5.02 22.36
CA ASP B 461 8.48 -4.92 23.81
C ASP B 461 7.53 -3.97 24.57
N SER B 462 7.07 -2.94 23.88
CA SER B 462 6.24 -1.91 24.48
C SER B 462 4.77 -2.31 24.48
N LYS B 463 4.39 -3.41 23.81
CA LYS B 463 3.01 -3.85 23.82
C LYS B 463 2.02 -2.94 23.01
N HIS B 464 2.57 -2.12 22.11
CA HIS B 464 1.77 -1.64 21.00
C HIS B 464 1.41 -2.80 20.13
N ILE B 465 2.26 -3.81 20.12
CA ILE B 465 1.84 -5.09 19.60
C ILE B 465 1.61 -5.99 20.83
N VAL B 466 0.34 -6.33 21.08
CA VAL B 466 -0.05 -7.14 22.26
C VAL B 466 0.45 -8.61 22.14
N ASP B 467 0.81 -9.20 23.27
CA ASP B 467 1.25 -10.60 23.30
C ASP B 467 0.06 -11.48 22.95
N PHE B 468 0.34 -12.54 22.24
CA PHE B 468 -0.72 -13.44 21.84
C PHE B 468 -1.09 -14.28 23.05
N PRO B 469 -2.36 -14.60 23.23
CA PRO B 469 -2.75 -15.33 24.46
C PRO B 469 -2.32 -16.79 24.57
N GLN B 470 -1.63 -17.12 25.67
CA GLN B 470 -1.14 -18.47 25.94
C GLN B 470 -2.24 -19.51 25.70
N GLU B 471 -3.46 -19.12 26.05
CA GLU B 471 -4.55 -20.02 26.09
C GLU B 471 -5.02 -20.42 24.68
N THR B 472 -5.08 -19.43 23.76
CA THR B 472 -5.37 -19.73 22.35
C THR B 472 -4.27 -20.68 21.78
N LEU B 473 -3.02 -20.52 22.19
CA LEU B 473 -2.00 -21.48 21.81
C LEU B 473 -2.37 -22.88 22.32
N ASN B 474 -2.78 -22.99 23.58
CA ASN B 474 -3.02 -24.30 24.19
C ASN B 474 -4.16 -24.87 23.38
N GLU B 475 -5.11 -24.03 23.02
CA GLU B 475 -6.29 -24.47 22.25
C GLU B 475 -5.98 -24.96 20.82
N CYS B 476 -4.94 -24.39 20.21
CA CYS B 476 -4.58 -24.80 18.88
C CYS B 476 -3.85 -26.13 18.92
N LEU B 477 -2.99 -26.36 19.90
CA LEU B 477 -2.36 -27.67 20.06
C LEU B 477 -3.38 -28.79 20.30
N ALA B 478 -4.30 -28.58 21.26
CA ALA B 478 -5.36 -29.60 21.51
C ALA B 478 -6.16 -29.87 20.25
N TYR B 479 -6.54 -28.80 19.55
CA TYR B 479 -7.19 -28.95 18.28
C TYR B 479 -6.36 -29.87 17.36
N ALA B 480 -5.06 -29.61 17.23
CA ALA B 480 -4.20 -30.38 16.30
C ALA B 480 -4.08 -31.86 16.70
N ILE B 481 -3.84 -32.07 17.99
CA ILE B 481 -3.75 -33.42 18.60
C ILE B 481 -5.11 -34.14 18.47
N ASN B 482 -6.22 -33.44 18.69
CA ASN B 482 -7.52 -34.12 18.48
C ASN B 482 -7.70 -34.62 17.04
N LYS B 483 -7.31 -33.82 16.06
CA LYS B 483 -7.52 -34.19 14.68
C LYS B 483 -6.86 -35.51 14.23
N VAL B 484 -5.74 -35.86 14.84
CA VAL B 484 -4.93 -37.01 14.39
C VAL B 484 -4.98 -38.23 15.33
N THR B 485 -5.82 -38.15 16.37
CA THR B 485 -6.05 -39.26 17.28
C THR B 485 -7.53 -39.63 17.53
N GLY B 486 -8.46 -38.73 17.18
CA GLY B 486 -9.84 -38.72 17.74
C GLY B 486 -10.99 -38.88 16.75
S SO4 C . -26.53 10.17 -0.72
O1 SO4 C . -27.97 10.29 -0.65
O2 SO4 C . -26.16 8.84 -0.25
O3 SO4 C . -26.08 10.35 -2.09
O4 SO4 C . -25.95 11.27 0.03
S SO4 D . 8.22 27.33 -6.46
O1 SO4 D . 6.99 28.07 -6.32
O2 SO4 D . 7.93 25.96 -5.98
O3 SO4 D . 8.64 27.25 -7.86
O4 SO4 D . 9.27 28.01 -5.70
S SO4 E . -0.77 13.15 21.51
O1 SO4 E . -1.97 13.00 22.35
O2 SO4 E . 0.42 12.98 22.36
O3 SO4 E . -0.85 12.09 20.48
O4 SO4 E . -0.70 14.47 20.91
S SO4 F . 2.82 46.66 4.89
O1 SO4 F . 2.29 47.64 5.85
O2 SO4 F . 3.74 45.82 5.64
O3 SO4 F . 1.71 45.91 4.29
O4 SO4 F . 3.51 47.31 3.76
S SO4 G . -15.02 26.82 -12.99
O1 SO4 G . -15.02 28.11 -12.29
O2 SO4 G . -16.29 26.09 -12.95
O3 SO4 G . -14.66 26.95 -14.42
O4 SO4 G . -14.09 25.98 -12.24
S SO4 H . 14.20 23.35 20.19
O1 SO4 H . 13.93 24.37 21.21
O2 SO4 H . 15.20 22.39 20.68
O3 SO4 H . 12.92 22.68 19.90
O4 SO4 H . 14.79 23.95 18.99
S SO4 I . -23.61 -6.79 2.31
O1 SO4 I . -24.32 -6.10 3.39
O2 SO4 I . -23.41 -8.18 2.75
O3 SO4 I . -24.40 -6.75 1.08
O4 SO4 I . -22.32 -6.18 2.03
NA NA J . -5.64 28.90 7.00
C1 GOL K . -14.81 42.00 -10.84
O1 GOL K . -14.68 43.41 -10.93
C2 GOL K . -15.70 41.46 -11.94
O2 GOL K . -16.99 41.44 -11.45
C3 GOL K . -15.39 40.06 -12.40
O3 GOL K . -16.69 39.55 -12.71
C1 GOL L . -12.72 19.31 -9.53
O1 GOL L . -11.74 18.28 -9.54
C2 GOL L . -12.54 20.45 -10.49
O2 GOL L . -11.48 20.31 -11.40
C3 GOL L . -12.13 21.65 -9.77
O3 GOL L . -12.08 22.51 -10.85
C1 GOL M . -16.84 11.63 -18.81
O1 GOL M . -17.65 12.34 -17.88
C2 GOL M . -17.49 11.41 -20.20
O2 GOL M . -18.10 10.13 -20.33
C3 GOL M . -16.47 11.68 -21.32
O3 GOL M . -15.75 10.50 -21.65
C1 GOL N . -4.53 18.23 -1.56
O1 GOL N . -5.62 17.46 -2.04
C2 GOL N . -4.48 18.47 -0.04
O2 GOL N . -3.16 18.78 0.36
C3 GOL N . -5.49 19.57 0.38
O3 GOL N . -6.82 19.20 0.02
C ACT O . -16.91 -6.87 1.16
O ACT O . -16.59 -5.80 1.77
OXT ACT O . -18.06 -6.94 0.65
CH3 ACT O . -16.00 -8.05 1.01
C1 GOL P . -13.34 -6.59 -21.78
O1 GOL P . -13.65 -7.88 -22.26
C2 GOL P . -12.39 -6.70 -20.57
O2 GOL P . -12.78 -5.86 -19.50
C3 GOL P . -10.94 -6.40 -20.98
O3 GOL P . -10.00 -6.80 -20.01
S SO4 Q . 17.11 -11.98 -19.10
O1 SO4 Q . 16.46 -10.71 -18.92
O2 SO4 Q . 17.27 -12.83 -17.95
O3 SO4 Q . 16.23 -12.64 -20.00
O4 SO4 Q . 18.41 -11.79 -19.69
S SO4 R . 1.11 -29.89 -14.95
O1 SO4 R . 0.40 -28.79 -14.29
O2 SO4 R . 1.17 -31.08 -14.07
O3 SO4 R . 0.39 -30.19 -16.21
O4 SO4 R . 2.47 -29.37 -15.12
S SO4 S . 6.18 -44.45 12.88
O1 SO4 S . 6.04 -43.34 13.81
O2 SO4 S . 5.11 -45.40 13.22
O3 SO4 S . 6.10 -44.04 11.47
O4 SO4 S . 7.51 -45.05 13.11
S SO4 T . -7.77 -28.47 6.23
O1 SO4 T . -7.55 -28.26 7.68
O2 SO4 T . -7.68 -29.88 5.86
O3 SO4 T . -9.10 -27.92 5.95
O4 SO4 T . -6.77 -27.73 5.46
S SO4 U . 18.02 -10.09 14.92
O1 SO4 U . 17.38 -10.11 16.25
O2 SO4 U . 19.42 -9.67 15.06
O3 SO4 U . 17.92 -11.42 14.30
O4 SO4 U . 17.39 -9.07 14.07
S SO4 V . 22.42 -13.54 10.50
O1 SO4 V . 21.25 -13.92 11.28
O2 SO4 V . 23.54 -14.30 11.04
O3 SO4 V . 22.21 -13.87 9.11
O4 SO4 V . 22.66 -12.10 10.63
S SO4 W . 14.72 17.90 -8.09
O1 SO4 W . 13.84 18.49 -7.08
O2 SO4 W . 15.45 16.77 -7.51
O3 SO4 W . 13.93 17.41 -9.22
O4 SO4 W . 15.67 18.91 -8.56
S SO4 X . 13.59 -55.72 0.00
O1 SO4 X . 12.19 -55.75 0.39
O2 SO4 X . 14.35 -56.02 1.22
O3 SO4 X . 13.84 -56.74 -1.01
O4 SO4 X . 13.95 -54.40 -0.52
NA NA Y . 11.20 -27.76 4.73
C1 GOL Z . 4.77 -21.71 -21.00
O1 GOL Z . 5.54 -20.55 -21.27
C2 GOL Z . 5.39 -22.83 -20.14
O2 GOL Z . 5.86 -23.71 -21.09
C3 GOL Z . 4.38 -23.60 -19.24
O3 GOL Z . 4.72 -23.97 -17.89
C1 GOL AA . 0.66 -23.60 -10.81
O1 GOL AA . 0.70 -24.50 -9.74
C2 GOL AA . 1.50 -24.17 -11.92
O2 GOL AA . 2.15 -23.11 -12.63
C3 GOL AA . 0.53 -24.97 -12.76
O3 GOL AA . 0.35 -26.16 -12.05
C ACT BA . 10.96 6.24 -13.79
O ACT BA . 11.10 5.86 -15.00
OXT ACT BA . 11.09 5.31 -12.91
CH3 ACT BA . 10.67 7.69 -13.48
C ACT CA . 16.40 1.94 -1.23
O ACT CA . 17.08 1.99 -0.16
OXT ACT CA . 15.63 0.94 -1.38
CH3 ACT CA . 16.59 3.03 -2.23
C1 GOL DA . 3.45 -17.67 -0.75
O1 GOL DA . 3.43 -17.97 -2.17
C2 GOL DA . 3.98 -18.78 0.16
O2 GOL DA . 3.41 -18.97 1.46
C3 GOL DA . 5.15 -19.69 -0.30
O3 GOL DA . 5.65 -19.30 -1.61
#